data_7TMA
# 
_entry.id   7TMA 
# 
_audit_conform.dict_name       mmcif_pdbx.dic 
_audit_conform.dict_version    5.396 
_audit_conform.dict_location   http://mmcif.pdb.org/dictionaries/ascii/mmcif_pdbx.dic 
# 
loop_
_database_2.database_id 
_database_2.database_code 
_database_2.pdbx_database_accession 
_database_2.pdbx_DOI 
PDB   7TMA         pdb_00007tma 10.2210/pdb7tma/pdb 
WWPDB D_1000262538 ?            ?                   
# 
loop_
_pdbx_audit_revision_history.ordinal 
_pdbx_audit_revision_history.data_content_type 
_pdbx_audit_revision_history.major_revision 
_pdbx_audit_revision_history.minor_revision 
_pdbx_audit_revision_history.revision_date 
1 'Structure model' 1 0 2023-01-25 
2 'Structure model' 1 1 2023-08-09 
3 'Structure model' 1 2 2023-10-25 
4 'Structure model' 1 3 2023-11-15 
5 'Structure model' 2 0 2024-09-25 
# 
_pdbx_audit_revision_details.ordinal             1 
_pdbx_audit_revision_details.revision_ordinal    1 
_pdbx_audit_revision_details.data_content_type   'Structure model' 
_pdbx_audit_revision_details.provider            repository 
_pdbx_audit_revision_details.type                'Initial release' 
_pdbx_audit_revision_details.description         ? 
_pdbx_audit_revision_details.details             ? 
# 
loop_
_pdbx_audit_revision_group.ordinal 
_pdbx_audit_revision_group.revision_ordinal 
_pdbx_audit_revision_group.data_content_type 
_pdbx_audit_revision_group.group 
1  2 'Structure model' 'Database references'    
2  3 'Structure model' 'Data collection'        
3  3 'Structure model' 'Refinement description' 
4  4 'Structure model' 'Data collection'        
5  5 'Structure model' Advisory                 
6  5 'Structure model' 'Atomic model'           
7  5 'Structure model' 'Data collection'        
8  5 'Structure model' 'Database references'    
9  5 'Structure model' 'Derived calculations'   
10 5 'Structure model' 'Polymer sequence'       
11 5 'Structure model' 'Source and taxonomy'    
12 5 'Structure model' 'Structure summary'      
# 
loop_
_pdbx_audit_revision_category.ordinal 
_pdbx_audit_revision_category.revision_ordinal 
_pdbx_audit_revision_category.data_content_type 
_pdbx_audit_revision_category.category 
1  2 'Structure model' citation                      
2  2 'Structure model' citation_author               
3  3 'Structure model' chem_comp_atom                
4  3 'Structure model' chem_comp_bond                
5  3 'Structure model' pdbx_initial_refinement_model 
6  4 'Structure model' chem_comp_atom                
7  4 'Structure model' chem_comp_bond                
8  5 'Structure model' atom_site                     
9  5 'Structure model' atom_site_anisotrop           
10 5 'Structure model' entity                        
11 5 'Structure model' entity_poly                   
12 5 'Structure model' entity_poly_seq               
13 5 'Structure model' pdbx_entity_nonpoly           
14 5 'Structure model' pdbx_entity_src_syn           
15 5 'Structure model' pdbx_nonpoly_scheme           
16 5 'Structure model' pdbx_poly_seq_scheme          
17 5 'Structure model' pdbx_struct_assembly_gen      
18 5 'Structure model' pdbx_validate_close_contact   
19 5 'Structure model' struct_asym                   
20 5 'Structure model' struct_conf                   
21 5 'Structure model' struct_conn                   
22 5 'Structure model' struct_ref_seq                
# 
loop_
_pdbx_audit_revision_item.ordinal 
_pdbx_audit_revision_item.revision_ordinal 
_pdbx_audit_revision_item.data_content_type 
_pdbx_audit_revision_item.item 
1  2 'Structure model' '_citation.country'                         
2  2 'Structure model' '_citation.journal_abbrev'                  
3  2 'Structure model' '_citation.journal_id_ASTM'                 
4  2 'Structure model' '_citation.journal_id_CSD'                  
5  2 'Structure model' '_citation.journal_id_ISSN'                 
6  2 'Structure model' '_citation.journal_volume'                  
7  2 'Structure model' '_citation.page_first'                      
8  2 'Structure model' '_citation.page_last'                       
9  2 'Structure model' '_citation.pdbx_database_id_DOI'            
10 2 'Structure model' '_citation.pdbx_database_id_PubMed'         
11 2 'Structure model' '_citation.title'                           
12 2 'Structure model' '_citation.year'                            
13 4 'Structure model' '_chem_comp_atom.atom_id'                   
14 4 'Structure model' '_chem_comp_bond.atom_id_2'                 
15 5 'Structure model' '_atom_site.B_iso_or_equiv'                 
16 5 'Structure model' '_atom_site.Cartn_x'                        
17 5 'Structure model' '_atom_site.Cartn_y'                        
18 5 'Structure model' '_atom_site.Cartn_z'                        
19 5 'Structure model' '_atom_site.auth_atom_id'                   
20 5 'Structure model' '_atom_site.auth_comp_id'                   
21 5 'Structure model' '_atom_site.auth_seq_id'                    
22 5 'Structure model' '_atom_site.group_PDB'                      
23 5 'Structure model' '_atom_site.label_alt_id'                   
24 5 'Structure model' '_atom_site.label_asym_id'                  
25 5 'Structure model' '_atom_site.label_atom_id'                  
26 5 'Structure model' '_atom_site.label_comp_id'                  
27 5 'Structure model' '_atom_site.label_entity_id'                
28 5 'Structure model' '_atom_site.label_seq_id'                   
29 5 'Structure model' '_atom_site.occupancy'                      
30 5 'Structure model' '_atom_site.type_symbol'                    
31 5 'Structure model' '_atom_site_anisotrop.U[1][1]'              
32 5 'Structure model' '_atom_site_anisotrop.U[1][2]'              
33 5 'Structure model' '_atom_site_anisotrop.U[1][3]'              
34 5 'Structure model' '_atom_site_anisotrop.U[2][2]'              
35 5 'Structure model' '_atom_site_anisotrop.U[2][3]'              
36 5 'Structure model' '_atom_site_anisotrop.U[3][3]'              
37 5 'Structure model' '_atom_site_anisotrop.id'                   
38 5 'Structure model' '_atom_site_anisotrop.pdbx_auth_atom_id'    
39 5 'Structure model' '_atom_site_anisotrop.pdbx_auth_comp_id'    
40 5 'Structure model' '_atom_site_anisotrop.pdbx_auth_seq_id'     
41 5 'Structure model' '_atom_site_anisotrop.pdbx_label_alt_id'    
42 5 'Structure model' '_atom_site_anisotrop.pdbx_label_asym_id'   
43 5 'Structure model' '_atom_site_anisotrop.pdbx_label_atom_id'   
44 5 'Structure model' '_atom_site_anisotrop.pdbx_label_comp_id'   
45 5 'Structure model' '_atom_site_anisotrop.pdbx_label_seq_id'    
46 5 'Structure model' '_atom_site_anisotrop.type_symbol'          
47 5 'Structure model' '_entity_poly.pdbx_seq_one_letter_code'     
48 5 'Structure model' '_entity_poly.pdbx_seq_one_letter_code_can' 
49 5 'Structure model' '_pdbx_entity_src_syn.pdbx_end_seq_num'     
50 5 'Structure model' '_pdbx_struct_assembly_gen.asym_id_list'    
51 5 'Structure model' '_struct_conf.beg_label_seq_id'             
52 5 'Structure model' '_struct_conf.end_label_seq_id'             
53 5 'Structure model' '_struct_conn.pdbx_dist_value'              
54 5 'Structure model' '_struct_conn.pdbx_leaving_atom_flag'       
55 5 'Structure model' '_struct_conn.pdbx_ptnr1_label_alt_id'      
56 5 'Structure model' '_struct_conn.pdbx_ptnr2_label_alt_id'      
57 5 'Structure model' '_struct_conn.ptnr1_auth_comp_id'           
58 5 'Structure model' '_struct_conn.ptnr1_auth_seq_id'            
59 5 'Structure model' '_struct_conn.ptnr1_label_atom_id'          
60 5 'Structure model' '_struct_conn.ptnr1_label_comp_id'          
61 5 'Structure model' '_struct_conn.ptnr1_label_seq_id'           
62 5 'Structure model' '_struct_conn.ptnr2_auth_comp_id'           
63 5 'Structure model' '_struct_conn.ptnr2_auth_seq_id'            
64 5 'Structure model' '_struct_conn.ptnr2_label_asym_id'          
65 5 'Structure model' '_struct_conn.ptnr2_label_atom_id'          
66 5 'Structure model' '_struct_conn.ptnr2_label_comp_id'          
67 5 'Structure model' '_struct_conn.ptnr2_label_seq_id'           
68 5 'Structure model' '_struct_ref_seq.seq_align_beg'             
69 5 'Structure model' '_struct_ref_seq.seq_align_end'             
# 
_pdbx_database_status.status_code                     REL 
_pdbx_database_status.status_code_sf                  REL 
_pdbx_database_status.status_code_mr                  ? 
_pdbx_database_status.entry_id                        7TMA 
_pdbx_database_status.recvd_initial_deposition_date   2022-01-19 
_pdbx_database_status.SG_entry                        N 
_pdbx_database_status.deposit_site                    RCSB 
_pdbx_database_status.process_site                    RCSB 
_pdbx_database_status.status_code_cs                  ? 
_pdbx_database_status.status_code_nmr_data            ? 
_pdbx_database_status.methods_development_category    ? 
_pdbx_database_status.pdb_format_compatible           Y 
# 
_pdbx_contact_author.id                 2 
_pdbx_contact_author.email              andyn@uic.edu 
_pdbx_contact_author.name_first         Andy 
_pdbx_contact_author.name_last          Nguyen 
_pdbx_contact_author.name_mi            I 
_pdbx_contact_author.role               'principal investigator/group leader' 
_pdbx_contact_author.identifier_ORCID   0000-0003-4137-6453 
# 
_audit_author.name               'Nguyen, A.I.' 
_audit_author.pdbx_ordinal       1 
_audit_author.identifier_ORCID   ? 
# 
_citation.abstract                  ? 
_citation.abstract_id_CAS           ? 
_citation.book_id_ISBN              ? 
_citation.book_publisher            ? 
_citation.book_publisher_city       ? 
_citation.book_title                ? 
_citation.coordinate_linkage        ? 
_citation.country                   US 
_citation.database_id_Medline       ? 
_citation.details                   ? 
_citation.id                        primary 
_citation.journal_abbrev            J.Am.Chem.Soc. 
_citation.journal_id_ASTM           JACSAT 
_citation.journal_id_CSD            ? 
_citation.journal_id_ISSN           1520-5126 
_citation.journal_full              ? 
_citation.journal_issue             ? 
_citation.journal_volume            144 
_citation.language                  ? 
_citation.page_first                7001 
_citation.page_last                 7009 
_citation.title                     
'Assembly of pi-Stacking Helical Peptides into a Porous and Multivariable Proteomimetic Framework.' 
_citation.year                      2022 
_citation.database_id_CSD           ? 
_citation.pdbx_database_id_DOI      10.1021/jacs.2c02146 
_citation.pdbx_database_id_PubMed   35390261 
_citation.pdbx_database_id_patent   ? 
_citation.unpublished_flag          ? 
# 
loop_
_citation_author.citation_id 
_citation_author.name 
_citation_author.ordinal 
_citation_author.identifier_ORCID 
primary 'Heinz-Kunert, S.L.' 1 ?                   
primary 'Pandya, A.'         2 0000-0003-3303-1009 
primary 'Dang, V.T.'         3 ?                   
primary 'Tran, P.N.'         4 ?                   
primary 'Ghosh, S.'          5 ?                   
primary 'McElheny, D.'       6 ?                   
primary 'Santarsiero, B.D.'  7 0000-0002-9032-9699 
primary 'Ren, Z.'            8 0000-0001-7098-3127 
primary 'Nguyen, A.I.'       9 0000-0003-4137-6453 
# 
loop_
_entity.id 
_entity.type 
_entity.src_method 
_entity.pdbx_description 
_entity.formula_weight 
_entity.pdbx_number_of_molecules 
_entity.pdbx_ec 
_entity.pdbx_mutation 
_entity.pdbx_fragment 
_entity.details 
1 polymer     syn 'bipyridyl-conjugated helical peptide' 1420.680 1 ? ? ? ? 
2 non-polymer syn ACETONITRILE                           41.052   2 ? ? ? ? 
3 water       nat water                                  18.015   7 ? ? ? ? 
# 
_entity_poly.entity_id                      1 
_entity_poly.type                           'polypeptide(L)' 
_entity_poly.nstd_linkage                   no 
_entity_poly.nstd_monomer                   yes 
_entity_poly.pdbx_seq_one_letter_code       '(I6W)L(AIB)AML(AIB)Q(AIB)L(I77)' 
_entity_poly.pdbx_seq_one_letter_code_can   XLAAMLAQALX 
_entity_poly.pdbx_strand_id                 A 
_entity_poly.pdbx_target_identifier         ? 
# 
loop_
_pdbx_entity_nonpoly.entity_id 
_pdbx_entity_nonpoly.name 
_pdbx_entity_nonpoly.comp_id 
2 ACETONITRILE CCN 
3 water        HOH 
# 
loop_
_entity_poly_seq.entity_id 
_entity_poly_seq.num 
_entity_poly_seq.mon_id 
_entity_poly_seq.hetero 
1 1  I6W n 
1 2  LEU n 
1 3  AIB n 
1 4  ALA n 
1 5  MET n 
1 6  LEU n 
1 7  AIB n 
1 8  GLN n 
1 9  AIB n 
1 10 LEU n 
1 11 I77 n 
# 
_pdbx_entity_src_syn.entity_id              1 
_pdbx_entity_src_syn.pdbx_src_id            1 
_pdbx_entity_src_syn.pdbx_alt_source_flag   sample 
_pdbx_entity_src_syn.pdbx_beg_seq_num       1 
_pdbx_entity_src_syn.pdbx_end_seq_num       11 
_pdbx_entity_src_syn.organism_scientific    'synthetic construct' 
_pdbx_entity_src_syn.organism_common_name   ? 
_pdbx_entity_src_syn.ncbi_taxonomy_id       32630 
_pdbx_entity_src_syn.details                ? 
# 
loop_
_chem_comp.id 
_chem_comp.type 
_chem_comp.mon_nstd_flag 
_chem_comp.name 
_chem_comp.pdbx_synonyms 
_chem_comp.formula 
_chem_comp.formula_weight 
AIB 'L-peptide linking' n 'ALPHA-AMINOISOBUTYRIC ACID'                            ? 'C4 H9 N O2'    103.120 
ALA 'L-peptide linking' y ALANINE                                                 ? 'C3 H7 N O2'    89.093  
CCN non-polymer         . ACETONITRILE                                            ? 'C2 H3 N'       41.052  
GLN 'L-peptide linking' y GLUTAMINE                                               ? 'C5 H10 N2 O3'  146.144 
HOH non-polymer         . WATER                                                   ? 'H2 O'          18.015  
I6W non-polymer         . 
;ethyl 5'-formyl[2,2'-bipyridine]-5-carboxylate
;
? 'C14 H12 N2 O3' 256.257 
I77 non-polymer         . "5'-(hydrazinecarbonyl)[2,2'-bipyridine]-5-carboxamide" ? 'C12 H11 N5 O2' 257.248 
LEU 'L-peptide linking' y LEUCINE                                                 ? 'C6 H13 N O2'   131.173 
MET 'L-peptide linking' y METHIONINE                                              ? 'C5 H11 N O2 S' 149.211 
# 
loop_
_pdbx_poly_seq_scheme.asym_id 
_pdbx_poly_seq_scheme.entity_id 
_pdbx_poly_seq_scheme.seq_id 
_pdbx_poly_seq_scheme.mon_id 
_pdbx_poly_seq_scheme.ndb_seq_num 
_pdbx_poly_seq_scheme.pdb_seq_num 
_pdbx_poly_seq_scheme.auth_seq_num 
_pdbx_poly_seq_scheme.pdb_mon_id 
_pdbx_poly_seq_scheme.auth_mon_id 
_pdbx_poly_seq_scheme.pdb_strand_id 
_pdbx_poly_seq_scheme.pdb_ins_code 
_pdbx_poly_seq_scheme.hetero 
A 1 1  I6W 1  1  1  I6W BPE A . n 
A 1 2  LEU 2  2  2  LEU LEU A . n 
A 1 3  AIB 3  3  3  AIB AIB A . n 
A 1 4  ALA 4  4  4  ALA ALA A . n 
A 1 5  MET 5  5  5  MET MET A . n 
A 1 6  LEU 6  6  6  LEU LEU A . n 
A 1 7  AIB 7  7  7  AIB AIB A . n 
A 1 8  GLN 8  8  8  GLN GLN A . n 
A 1 9  AIB 9  9  9  AIB AIB A . n 
A 1 10 LEU 10 10 10 LEU LEU A . n 
A 1 11 I77 11 11 11 I77 BPH A . n 
# 
loop_
_pdbx_nonpoly_scheme.asym_id 
_pdbx_nonpoly_scheme.entity_id 
_pdbx_nonpoly_scheme.mon_id 
_pdbx_nonpoly_scheme.ndb_seq_num 
_pdbx_nonpoly_scheme.pdb_seq_num 
_pdbx_nonpoly_scheme.auth_seq_num 
_pdbx_nonpoly_scheme.pdb_mon_id 
_pdbx_nonpoly_scheme.auth_mon_id 
_pdbx_nonpoly_scheme.pdb_strand_id 
_pdbx_nonpoly_scheme.pdb_ins_code 
B 2 CCN 1 201 1 CCN ACN A . 
C 2 CCN 1 202 2 CCN ACN A . 
D 3 HOH 1 301 6 HOH HOH A . 
D 3 HOH 2 302 1 HOH HOH A . 
D 3 HOH 3 303 8 HOH HOH A . 
D 3 HOH 4 304 4 HOH HOH A . 
D 3 HOH 5 305 9 HOH HOH A . 
D 3 HOH 6 306 7 HOH HOH A . 
D 3 HOH 7 307 2 HOH HOH A . 
# 
loop_
_software.citation_id 
_software.classification 
_software.compiler_name 
_software.compiler_version 
_software.contact_author 
_software.contact_author_email 
_software.date 
_software.description 
_software.dependencies 
_software.hardware 
_software.language 
_software.location 
_software.mods 
_software.name 
_software.os 
_software.os_version 
_software.type 
_software.version 
_software.pdbx_ordinal 
? refinement       ? ? ? ? ? ? ? ? ? ? ? PHENIX ? ? ? 1.19.2_4158 1 
? 'data reduction' ? ? ? ? ? ? ? ? ? ? ? XDS    ? ? ? .           2 
? 'data scaling'   ? ? ? ? ? ? ? ? ? ? ? XDS    ? ? ? .           3 
? phasing          ? ? ? ? ? ? ? ? ? ? ? PHASER ? ? ? .           4 
# 
_cell.angle_alpha                  90.000 
_cell.angle_alpha_esd              ? 
_cell.angle_beta                   99.044 
_cell.angle_beta_esd               ? 
_cell.angle_gamma                  90.000 
_cell.angle_gamma_esd              ? 
_cell.entry_id                     7TMA 
_cell.details                      ? 
_cell.formula_units_Z              ? 
_cell.length_a                     13.720 
_cell.length_a_esd                 ? 
_cell.length_b                     13.564 
_cell.length_b_esd                 ? 
_cell.length_c                     27.710 
_cell.length_c_esd                 ? 
_cell.volume                       5092.668 
_cell.volume_esd                   ? 
_cell.Z_PDB                        2 
_cell.reciprocal_angle_alpha       ? 
_cell.reciprocal_angle_beta        ? 
_cell.reciprocal_angle_gamma       ? 
_cell.reciprocal_angle_alpha_esd   ? 
_cell.reciprocal_angle_beta_esd    ? 
_cell.reciprocal_angle_gamma_esd   ? 
_cell.reciprocal_length_a          ? 
_cell.reciprocal_length_b          ? 
_cell.reciprocal_length_c          ? 
_cell.reciprocal_length_a_esd      ? 
_cell.reciprocal_length_b_esd      ? 
_cell.reciprocal_length_c_esd      ? 
_cell.pdbx_unique_axis             ? 
# 
_symmetry.entry_id                         7TMA 
_symmetry.cell_setting                     ? 
_symmetry.Int_Tables_number                4 
_symmetry.space_group_name_Hall            'P 2yb' 
_symmetry.space_group_name_H-M             'P 1 21 1' 
_symmetry.pdbx_full_space_group_name_H-M   ? 
# 
_exptl.absorpt_coefficient_mu     ? 
_exptl.absorpt_correction_T_max   ? 
_exptl.absorpt_correction_T_min   ? 
_exptl.absorpt_correction_type    ? 
_exptl.absorpt_process_details    ? 
_exptl.entry_id                   7TMA 
_exptl.crystals_number            1 
_exptl.details                    ? 
_exptl.method                     'X-RAY DIFFRACTION' 
_exptl.method_details             ? 
# 
_exptl_crystal.colour                      ? 
_exptl_crystal.density_diffrn              ? 
_exptl_crystal.density_Matthews            2.72 
_exptl_crystal.density_method              ? 
_exptl_crystal.density_percent_sol         54.83 
_exptl_crystal.description                 ? 
_exptl_crystal.F_000                       ? 
_exptl_crystal.id                          1 
_exptl_crystal.preparation                 ? 
_exptl_crystal.size_max                    ? 
_exptl_crystal.size_mid                    ? 
_exptl_crystal.size_min                    ? 
_exptl_crystal.size_rad                    ? 
_exptl_crystal.colour_lustre               ? 
_exptl_crystal.colour_modifier             ? 
_exptl_crystal.colour_primary              ? 
_exptl_crystal.density_meas                ? 
_exptl_crystal.density_meas_esd            ? 
_exptl_crystal.density_meas_gt             ? 
_exptl_crystal.density_meas_lt             ? 
_exptl_crystal.density_meas_temp           ? 
_exptl_crystal.density_meas_temp_esd       ? 
_exptl_crystal.density_meas_temp_gt        ? 
_exptl_crystal.density_meas_temp_lt        ? 
_exptl_crystal.pdbx_crystal_image_url      ? 
_exptl_crystal.pdbx_crystal_image_format   ? 
_exptl_crystal.pdbx_mosaicity              ? 
_exptl_crystal.pdbx_mosaicity_esd          ? 
# 
_exptl_crystal_grow.apparatus       ? 
_exptl_crystal_grow.atmosphere      ? 
_exptl_crystal_grow.crystal_id      1 
_exptl_crystal_grow.details         ? 
_exptl_crystal_grow.method          'SLOW COOLING' 
_exptl_crystal_grow.method_ref      ? 
_exptl_crystal_grow.pH              ? 
_exptl_crystal_grow.pressure        ? 
_exptl_crystal_grow.pressure_esd    ? 
_exptl_crystal_grow.seeding         ? 
_exptl_crystal_grow.seeding_ref     ? 
_exptl_crystal_grow.temp            298 
_exptl_crystal_grow.temp_details    ? 
_exptl_crystal_grow.temp_esd        ? 
_exptl_crystal_grow.time            ? 
_exptl_crystal_grow.pdbx_details    'water and acetonitrile' 
_exptl_crystal_grow.pdbx_pH_range   ? 
# 
_diffrn.ambient_environment              ? 
_diffrn.ambient_temp                     100 
_diffrn.ambient_temp_details             ? 
_diffrn.ambient_temp_esd                 ? 
_diffrn.crystal_id                       1 
_diffrn.crystal_support                  ? 
_diffrn.crystal_treatment                ? 
_diffrn.details                          ? 
_diffrn.id                               1 
_diffrn.ambient_pressure                 ? 
_diffrn.ambient_pressure_esd             ? 
_diffrn.ambient_pressure_gt              ? 
_diffrn.ambient_pressure_lt              ? 
_diffrn.ambient_temp_gt                  ? 
_diffrn.ambient_temp_lt                  ? 
_diffrn.pdbx_serial_crystal_experiment   N 
# 
_diffrn_detector.details                      ? 
_diffrn_detector.detector                     PIXEL 
_diffrn_detector.diffrn_id                    1 
_diffrn_detector.type                         'DECTRIS EIGER X 9M' 
_diffrn_detector.area_resol_mean              ? 
_diffrn_detector.dtime                        ? 
_diffrn_detector.pdbx_frames_total            ? 
_diffrn_detector.pdbx_collection_time_total   ? 
_diffrn_detector.pdbx_collection_date         2021-07-01 
_diffrn_detector.pdbx_frequency               ? 
# 
_diffrn_radiation.collimation                      ? 
_diffrn_radiation.diffrn_id                        1 
_diffrn_radiation.filter_edge                      ? 
_diffrn_radiation.inhomogeneity                    ? 
_diffrn_radiation.monochromator                    ? 
_diffrn_radiation.polarisn_norm                    ? 
_diffrn_radiation.polarisn_ratio                   ? 
_diffrn_radiation.probe                            ? 
_diffrn_radiation.type                             ? 
_diffrn_radiation.xray_symbol                      ? 
_diffrn_radiation.wavelength_id                    1 
_diffrn_radiation.pdbx_monochromatic_or_laue_m_l   M 
_diffrn_radiation.pdbx_wavelength_list             ? 
_diffrn_radiation.pdbx_wavelength                  ? 
_diffrn_radiation.pdbx_diffrn_protocol             'SINGLE WAVELENGTH' 
_diffrn_radiation.pdbx_analyzer                    ? 
_diffrn_radiation.pdbx_scattering_type             x-ray 
# 
_diffrn_radiation_wavelength.id           1 
_diffrn_radiation_wavelength.wavelength   0.688 
_diffrn_radiation_wavelength.wt           1.0 
# 
_diffrn_source.current                     ? 
_diffrn_source.details                     ? 
_diffrn_source.diffrn_id                   1 
_diffrn_source.power                       ? 
_diffrn_source.size                        ? 
_diffrn_source.source                      SYNCHROTRON 
_diffrn_source.target                      ? 
_diffrn_source.type                        'APS BEAMLINE 21-ID-D' 
_diffrn_source.voltage                     ? 
_diffrn_source.take-off_angle              ? 
_diffrn_source.pdbx_wavelength_list        0.688 
_diffrn_source.pdbx_wavelength             ? 
_diffrn_source.pdbx_synchrotron_beamline   21-ID-D 
_diffrn_source.pdbx_synchrotron_site       APS 
# 
_reflns.B_iso_Wilson_estimate                          5.27 
_reflns.entry_id                                       7TMA 
_reflns.data_reduction_details                         ? 
_reflns.data_reduction_method                          ? 
_reflns.d_resolution_high                              1.00 
_reflns.d_resolution_low                               13.55 
_reflns.details                                        ? 
_reflns.limit_h_max                                    ? 
_reflns.limit_h_min                                    ? 
_reflns.limit_k_max                                    ? 
_reflns.limit_k_min                                    ? 
_reflns.limit_l_max                                    ? 
_reflns.limit_l_min                                    ? 
_reflns.number_all                                     ? 
_reflns.number_obs                                     20050 
_reflns.observed_criterion                             ? 
_reflns.observed_criterion_F_max                       ? 
_reflns.observed_criterion_F_min                       ? 
_reflns.observed_criterion_I_max                       ? 
_reflns.observed_criterion_I_min                       ? 
_reflns.observed_criterion_sigma_F                     ? 
_reflns.observed_criterion_sigma_I                     ? 
_reflns.percent_possible_obs                           95.96 
_reflns.R_free_details                                 ? 
_reflns.Rmerge_F_all                                   ? 
_reflns.Rmerge_F_obs                                   ? 
_reflns.Friedel_coverage                               ? 
_reflns.number_gt                                      ? 
_reflns.threshold_expression                           ? 
_reflns.pdbx_redundancy                                5.0 
_reflns.pdbx_Rmerge_I_obs                              ? 
_reflns.pdbx_Rmerge_I_all                              ? 
_reflns.pdbx_Rsym_value                                ? 
_reflns.pdbx_netI_over_av_sigmaI                       ? 
_reflns.pdbx_netI_over_sigmaI                          7.63 
_reflns.pdbx_res_netI_over_av_sigmaI_2                 ? 
_reflns.pdbx_res_netI_over_sigmaI_2                    ? 
_reflns.pdbx_chi_squared                               ? 
_reflns.pdbx_scaling_rejects                           ? 
_reflns.pdbx_d_res_high_opt                            ? 
_reflns.pdbx_d_res_low_opt                             ? 
_reflns.pdbx_d_res_opt_method                          ? 
_reflns.phase_calculation_details                      ? 
_reflns.pdbx_Rrim_I_all                                ? 
_reflns.pdbx_Rpim_I_all                                ? 
_reflns.pdbx_d_opt                                     ? 
_reflns.pdbx_number_measured_all                       ? 
_reflns.pdbx_diffrn_id                                 1 
_reflns.pdbx_ordinal                                   1 
_reflns.pdbx_CC_half                                   0.996 
_reflns.pdbx_CC_star                                   ? 
_reflns.pdbx_R_split                                   ? 
_reflns.pdbx_aniso_diffraction_limit_axis_1_ortho[1]   ? 
_reflns.pdbx_aniso_diffraction_limit_axis_1_ortho[2]   ? 
_reflns.pdbx_aniso_diffraction_limit_axis_1_ortho[3]   ? 
_reflns.pdbx_aniso_diffraction_limit_axis_2_ortho[1]   ? 
_reflns.pdbx_aniso_diffraction_limit_axis_2_ortho[2]   ? 
_reflns.pdbx_aniso_diffraction_limit_axis_2_ortho[3]   ? 
_reflns.pdbx_aniso_diffraction_limit_axis_3_ortho[1]   ? 
_reflns.pdbx_aniso_diffraction_limit_axis_3_ortho[2]   ? 
_reflns.pdbx_aniso_diffraction_limit_axis_3_ortho[3]   ? 
_reflns.pdbx_aniso_diffraction_limit_1                 ? 
_reflns.pdbx_aniso_diffraction_limit_2                 ? 
_reflns.pdbx_aniso_diffraction_limit_3                 ? 
_reflns.pdbx_aniso_B_tensor_eigenvector_1_ortho[1]     ? 
_reflns.pdbx_aniso_B_tensor_eigenvector_1_ortho[2]     ? 
_reflns.pdbx_aniso_B_tensor_eigenvector_1_ortho[3]     ? 
_reflns.pdbx_aniso_B_tensor_eigenvector_2_ortho[1]     ? 
_reflns.pdbx_aniso_B_tensor_eigenvector_2_ortho[2]     ? 
_reflns.pdbx_aniso_B_tensor_eigenvector_2_ortho[3]     ? 
_reflns.pdbx_aniso_B_tensor_eigenvector_3_ortho[1]     ? 
_reflns.pdbx_aniso_B_tensor_eigenvector_3_ortho[2]     ? 
_reflns.pdbx_aniso_B_tensor_eigenvector_3_ortho[3]     ? 
_reflns.pdbx_aniso_B_tensor_eigenvalue_1               ? 
_reflns.pdbx_aniso_B_tensor_eigenvalue_2               ? 
_reflns.pdbx_aniso_B_tensor_eigenvalue_3               ? 
_reflns.pdbx_orthogonalization_convention              ? 
_reflns.pdbx_percent_possible_ellipsoidal              ? 
_reflns.pdbx_percent_possible_spherical                ? 
_reflns.pdbx_percent_possible_ellipsoidal_anomalous    ? 
_reflns.pdbx_percent_possible_spherical_anomalous      ? 
_reflns.pdbx_redundancy_anomalous                      ? 
_reflns.pdbx_CC_half_anomalous                         ? 
_reflns.pdbx_absDiff_over_sigma_anomalous              ? 
_reflns.pdbx_percent_possible_anomalous                ? 
_reflns.pdbx_observed_signal_threshold                 ? 
_reflns.pdbx_signal_type                               ? 
_reflns.pdbx_signal_details                            ? 
_reflns.pdbx_signal_software_id                        ? 
# 
_reflns_shell.d_res_high                                    1.003 
_reflns_shell.d_res_low                                     1.039 
_reflns_shell.meanI_over_sigI_all                           ? 
_reflns_shell.meanI_over_sigI_obs                           7.63 
_reflns_shell.number_measured_all                           ? 
_reflns_shell.number_measured_obs                           ? 
_reflns_shell.number_possible                               ? 
_reflns_shell.number_unique_all                             ? 
_reflns_shell.number_unique_obs                             469 
_reflns_shell.percent_possible_all                          ? 
_reflns_shell.percent_possible_obs                          ? 
_reflns_shell.Rmerge_F_all                                  ? 
_reflns_shell.Rmerge_F_obs                                  ? 
_reflns_shell.Rmerge_I_all                                  ? 
_reflns_shell.Rmerge_I_obs                                  ? 
_reflns_shell.meanI_over_sigI_gt                            ? 
_reflns_shell.meanI_over_uI_all                             ? 
_reflns_shell.meanI_over_uI_gt                              ? 
_reflns_shell.number_measured_gt                            ? 
_reflns_shell.number_unique_gt                              ? 
_reflns_shell.percent_possible_gt                           ? 
_reflns_shell.Rmerge_F_gt                                   ? 
_reflns_shell.Rmerge_I_gt                                   ? 
_reflns_shell.pdbx_redundancy                               ? 
_reflns_shell.pdbx_Rsym_value                               ? 
_reflns_shell.pdbx_chi_squared                              ? 
_reflns_shell.pdbx_netI_over_sigmaI_all                     ? 
_reflns_shell.pdbx_netI_over_sigmaI_obs                     ? 
_reflns_shell.pdbx_Rrim_I_all                               ? 
_reflns_shell.pdbx_Rpim_I_all                               ? 
_reflns_shell.pdbx_rejects                                  ? 
_reflns_shell.pdbx_ordinal                                  1 
_reflns_shell.pdbx_diffrn_id                                1 
_reflns_shell.pdbx_CC_half                                  0.996 
_reflns_shell.pdbx_CC_star                                  ? 
_reflns_shell.pdbx_R_split                                  ? 
_reflns_shell.pdbx_percent_possible_ellipsoidal             ? 
_reflns_shell.pdbx_percent_possible_spherical               ? 
_reflns_shell.pdbx_percent_possible_ellipsoidal_anomalous   ? 
_reflns_shell.pdbx_percent_possible_spherical_anomalous     ? 
_reflns_shell.pdbx_redundancy_anomalous                     ? 
_reflns_shell.pdbx_CC_half_anomalous                        ? 
_reflns_shell.pdbx_absDiff_over_sigma_anomalous             ? 
_reflns_shell.pdbx_percent_possible_anomalous               ? 
# 
_refine.aniso_B[1][1]                            ? 
_refine.aniso_B[1][2]                            ? 
_refine.aniso_B[1][3]                            ? 
_refine.aniso_B[2][2]                            ? 
_refine.aniso_B[2][3]                            ? 
_refine.aniso_B[3][3]                            ? 
_refine.B_iso_max                                ? 
_refine.B_iso_mean                               13.22 
_refine.B_iso_min                                ? 
_refine.correlation_coeff_Fo_to_Fc               ? 
_refine.correlation_coeff_Fo_to_Fc_free          ? 
_refine.details                                  ? 
_refine.diff_density_max                         ? 
_refine.diff_density_max_esd                     ? 
_refine.diff_density_min                         ? 
_refine.diff_density_min_esd                     ? 
_refine.diff_density_rms                         ? 
_refine.diff_density_rms_esd                     ? 
_refine.entry_id                                 7TMA 
_refine.pdbx_refine_id                           'X-RAY DIFFRACTION' 
_refine.ls_abs_structure_details                 ? 
_refine.ls_abs_structure_Flack                   ? 
_refine.ls_abs_structure_Flack_esd               ? 
_refine.ls_abs_structure_Rogers                  ? 
_refine.ls_abs_structure_Rogers_esd              ? 
_refine.ls_d_res_high                            1.00 
_refine.ls_d_res_low                             13.55 
_refine.ls_extinction_coef                       ? 
_refine.ls_extinction_coef_esd                   ? 
_refine.ls_extinction_expression                 ? 
_refine.ls_extinction_method                     ? 
_refine.ls_goodness_of_fit_all                   ? 
_refine.ls_goodness_of_fit_all_esd               ? 
_refine.ls_goodness_of_fit_obs                   ? 
_refine.ls_goodness_of_fit_obs_esd               ? 
_refine.ls_hydrogen_treatment                    ? 
_refine.ls_matrix_type                           ? 
_refine.ls_number_constraints                    ? 
_refine.ls_number_parameters                     ? 
_refine.ls_number_reflns_all                     ? 
_refine.ls_number_reflns_obs                     9914 
_refine.ls_number_reflns_R_free                  989 
_refine.ls_number_reflns_R_work                  8925 
_refine.ls_number_restraints                     ? 
_refine.ls_percent_reflns_obs                    93.54 
_refine.ls_percent_reflns_R_free                 9.98 
_refine.ls_R_factor_all                          ? 
_refine.ls_R_factor_obs                          0.1593 
_refine.ls_R_factor_R_free                       0.1751 
_refine.ls_R_factor_R_free_error                 ? 
_refine.ls_R_factor_R_free_error_details         ? 
_refine.ls_R_factor_R_work                       0.1576 
_refine.ls_R_Fsqd_factor_obs                     ? 
_refine.ls_R_I_factor_obs                        ? 
_refine.ls_redundancy_reflns_all                 ? 
_refine.ls_redundancy_reflns_obs                 ? 
_refine.ls_restrained_S_all                      ? 
_refine.ls_restrained_S_obs                      ? 
_refine.ls_shift_over_esd_max                    ? 
_refine.ls_shift_over_esd_mean                   ? 
_refine.ls_structure_factor_coef                 ? 
_refine.ls_weighting_details                     ? 
_refine.ls_weighting_scheme                      ? 
_refine.ls_wR_factor_all                         ? 
_refine.ls_wR_factor_obs                         ? 
_refine.ls_wR_factor_R_free                      ? 
_refine.ls_wR_factor_R_work                      ? 
_refine.occupancy_max                            ? 
_refine.occupancy_min                            ? 
_refine.solvent_model_details                    'FLAT BULK SOLVENT MODEL' 
_refine.solvent_model_param_bsol                 ? 
_refine.solvent_model_param_ksol                 ? 
_refine.pdbx_R_complete                          ? 
_refine.ls_R_factor_gt                           ? 
_refine.ls_goodness_of_fit_gt                    ? 
_refine.ls_goodness_of_fit_ref                   ? 
_refine.ls_shift_over_su_max                     ? 
_refine.ls_shift_over_su_max_lt                  ? 
_refine.ls_shift_over_su_mean                    ? 
_refine.ls_shift_over_su_mean_lt                 ? 
_refine.pdbx_ls_sigma_I                          ? 
_refine.pdbx_ls_sigma_F                          1.36 
_refine.pdbx_ls_sigma_Fsqd                       ? 
_refine.pdbx_data_cutoff_high_absF               ? 
_refine.pdbx_data_cutoff_high_rms_absF           ? 
_refine.pdbx_data_cutoff_low_absF                ? 
_refine.pdbx_isotropic_thermal_model             ? 
_refine.pdbx_ls_cross_valid_method               'FREE R-VALUE' 
_refine.pdbx_method_to_determine_struct          'MOLECULAR REPLACEMENT' 
_refine.pdbx_starting_model                      7TLS 
_refine.pdbx_stereochemistry_target_values       'GeoStd + Monomer Library + CDL v1.2' 
_refine.pdbx_R_Free_selection_details            ? 
_refine.pdbx_stereochem_target_val_spec_case     ? 
_refine.pdbx_overall_ESU_R                       ? 
_refine.pdbx_overall_ESU_R_Free                  ? 
_refine.pdbx_solvent_vdw_probe_radii             1.1100 
_refine.pdbx_solvent_ion_probe_radii             ? 
_refine.pdbx_solvent_shrinkage_radii             0.9000 
_refine.pdbx_real_space_R                        ? 
_refine.pdbx_density_correlation                 ? 
_refine.pdbx_pd_number_of_powder_patterns        ? 
_refine.pdbx_pd_number_of_points                 ? 
_refine.pdbx_pd_meas_number_of_points            ? 
_refine.pdbx_pd_proc_ls_prof_R_factor            ? 
_refine.pdbx_pd_proc_ls_prof_wR_factor           ? 
_refine.pdbx_pd_Marquardt_correlation_coeff      ? 
_refine.pdbx_pd_Fsqrd_R_factor                   ? 
_refine.pdbx_pd_ls_matrix_band_width             ? 
_refine.pdbx_overall_phase_error                 20.3146 
_refine.pdbx_overall_SU_R_free_Cruickshank_DPI   ? 
_refine.pdbx_overall_SU_R_free_Blow_DPI          ? 
_refine.pdbx_overall_SU_R_Blow_DPI               ? 
_refine.pdbx_TLS_residual_ADP_flag               ? 
_refine.pdbx_diffrn_id                           1 
_refine.overall_SU_B                             ? 
_refine.overall_SU_ML                            0.1034 
_refine.overall_SU_R_Cruickshank_DPI             ? 
_refine.overall_SU_R_free                        ? 
_refine.overall_FOM_free_R_set                   ? 
_refine.overall_FOM_work_R_set                   ? 
_refine.pdbx_average_fsc_overall                 ? 
_refine.pdbx_average_fsc_work                    ? 
_refine.pdbx_average_fsc_free                    ? 
# 
_refine_hist.pdbx_refine_id                   'X-RAY DIFFRACTION' 
_refine_hist.cycle_id                         LAST 
_refine_hist.details                          ? 
_refine_hist.d_res_high                       1.00 
_refine_hist.d_res_low                        13.55 
_refine_hist.number_atoms_solvent             7 
_refine_hist.number_atoms_total               115 
_refine_hist.number_reflns_all                ? 
_refine_hist.number_reflns_obs                ? 
_refine_hist.number_reflns_R_free             ? 
_refine_hist.number_reflns_R_work             ? 
_refine_hist.R_factor_all                     ? 
_refine_hist.R_factor_obs                     ? 
_refine_hist.R_factor_R_free                  ? 
_refine_hist.R_factor_R_work                  ? 
_refine_hist.pdbx_number_residues_total       ? 
_refine_hist.pdbx_B_iso_mean_ligand           ? 
_refine_hist.pdbx_B_iso_mean_solvent          ? 
_refine_hist.pdbx_number_atoms_protein        83 
_refine_hist.pdbx_number_atoms_nucleic_acid   0 
_refine_hist.pdbx_number_atoms_ligand         25 
_refine_hist.pdbx_number_atoms_lipid          ? 
_refine_hist.pdbx_number_atoms_carb           ? 
_refine_hist.pdbx_pseudo_atom_details         ? 
# 
loop_
_refine_ls_restr.pdbx_refine_id 
_refine_ls_restr.criterion 
_refine_ls_restr.dev_ideal 
_refine_ls_restr.dev_ideal_target 
_refine_ls_restr.number 
_refine_ls_restr.rejects 
_refine_ls_restr.type 
_refine_ls_restr.weight 
_refine_ls_restr.pdbx_restraint_function 
'X-RAY DIFFRACTION' ? 0.0104  ? 136 ? f_bond_d           ? ? 
'X-RAY DIFFRACTION' ? 1.7525  ? 183 ? f_angle_d          ? ? 
'X-RAY DIFFRACTION' ? 0.0888  ? 10  ? f_chiral_restr     ? ? 
'X-RAY DIFFRACTION' ? 0.0062  ? 21  ? f_plane_restr      ? ? 
'X-RAY DIFFRACTION' ? 50.8668 ? 24  ? f_dihedral_angle_d ? ? 
# 
loop_
_refine_ls_shell.pdbx_refine_id 
_refine_ls_shell.d_res_high 
_refine_ls_shell.d_res_low 
_refine_ls_shell.number_reflns_all 
_refine_ls_shell.number_reflns_obs 
_refine_ls_shell.number_reflns_R_free 
_refine_ls_shell.number_reflns_R_work 
_refine_ls_shell.percent_reflns_obs 
_refine_ls_shell.percent_reflns_R_free 
_refine_ls_shell.R_factor_all 
_refine_ls_shell.R_factor_obs 
_refine_ls_shell.R_factor_R_free 
_refine_ls_shell.R_factor_R_free_error 
_refine_ls_shell.R_factor_R_work 
_refine_ls_shell.redundancy_reflns_all 
_refine_ls_shell.redundancy_reflns_obs 
_refine_ls_shell.wR_factor_all 
_refine_ls_shell.wR_factor_obs 
_refine_ls_shell.wR_factor_R_free 
_refine_ls_shell.wR_factor_R_work 
_refine_ls_shell.pdbx_R_complete 
_refine_ls_shell.pdbx_total_number_of_bins_used 
_refine_ls_shell.pdbx_phase_error 
_refine_ls_shell.pdbx_fsc_work 
_refine_ls_shell.pdbx_fsc_free 
'X-RAY DIFFRACTION' 1.00 1.06  . . 137 1198 86.30 . . . 0.3006 . 0.2915 . . . . . . . . . . . 
'X-RAY DIFFRACTION' 1.06 1.12  . . 140 1289 94.95 . . . 0.2595 . 0.2490 . . . . . . . . . . . 
'X-RAY DIFFRACTION' 1.12 1.21  . . 138 1276 94.71 . . . 0.2423 . 0.1941 . . . . . . . . . . . 
'X-RAY DIFFRACTION' 1.21 1.33  . . 151 1301 95.28 . . . 0.1875 . 0.1800 . . . . . . . . . . . 
'X-RAY DIFFRACTION' 1.33 1.52  . . 148 1309 95.54 . . . 0.1538 . 0.1537 . . . . . . . . . . . 
'X-RAY DIFFRACTION' 1.52 1.92  . . 135 1259 92.13 . . . 0.1700 . 0.1329 . . . . . . . . . . . 
'X-RAY DIFFRACTION' 1.92 13.55 . . 140 1293 96.11 . . . 0.1322 . 0.1212 . . . . . . . . . . . 
# 
_struct.entry_id                     7TMA 
_struct.title                        'Porous framework formed by assembly of a bipyridyl-conjugated helical peptide' 
_struct.pdbx_model_details           ? 
_struct.pdbx_formula_weight          ? 
_struct.pdbx_formula_weight_method   ? 
_struct.pdbx_model_type_details      ? 
_struct.pdbx_CASP_flag               N 
# 
_struct_keywords.entry_id        7TMA 
_struct_keywords.text            'porous, framework, helix, 310, alpha, assembly, bipyridine, UIC-1, DE NOVO PROTEIN' 
_struct_keywords.pdbx_keywords   'DE NOVO PROTEIN' 
# 
loop_
_struct_asym.id 
_struct_asym.pdbx_blank_PDB_chainid_flag 
_struct_asym.pdbx_modified 
_struct_asym.entity_id 
_struct_asym.details 
A N N 1 ? 
B N N 2 ? 
C N N 2 ? 
D N N 3 ? 
# 
_struct_ref.id                         1 
_struct_ref.db_name                    PDB 
_struct_ref.db_code                    7TMA 
_struct_ref.pdbx_db_accession          7TMA 
_struct_ref.pdbx_db_isoform            ? 
_struct_ref.entity_id                  1 
_struct_ref.pdbx_seq_one_letter_code   ? 
_struct_ref.pdbx_align_begin           1 
# 
_struct_ref_seq.align_id                      1 
_struct_ref_seq.ref_id                        1 
_struct_ref_seq.pdbx_PDB_id_code              7TMA 
_struct_ref_seq.pdbx_strand_id                A 
_struct_ref_seq.seq_align_beg                 2 
_struct_ref_seq.pdbx_seq_align_beg_ins_code   ? 
_struct_ref_seq.seq_align_end                 10 
_struct_ref_seq.pdbx_seq_align_end_ins_code   ? 
_struct_ref_seq.pdbx_db_accession             7TMA 
_struct_ref_seq.db_align_beg                  2 
_struct_ref_seq.pdbx_db_align_beg_ins_code    ? 
_struct_ref_seq.db_align_end                  10 
_struct_ref_seq.pdbx_db_align_end_ins_code    ? 
_struct_ref_seq.pdbx_auth_seq_align_beg       2 
_struct_ref_seq.pdbx_auth_seq_align_end       10 
# 
_pdbx_struct_assembly.id                   1 
_pdbx_struct_assembly.details              software_defined_assembly 
_pdbx_struct_assembly.method_details       PISA 
_pdbx_struct_assembly.oligomeric_details   monomeric 
_pdbx_struct_assembly.oligomeric_count     1 
# 
_pdbx_struct_assembly_gen.assembly_id       1 
_pdbx_struct_assembly_gen.oper_expression   1 
_pdbx_struct_assembly_gen.asym_id_list      A,B,C,D 
# 
_pdbx_struct_assembly_auth_evidence.id                     1 
_pdbx_struct_assembly_auth_evidence.assembly_id            1 
_pdbx_struct_assembly_auth_evidence.experimental_support   none 
_pdbx_struct_assembly_auth_evidence.details                none 
# 
_pdbx_struct_oper_list.id                   1 
_pdbx_struct_oper_list.type                 'identity operation' 
_pdbx_struct_oper_list.name                 1_555 
_pdbx_struct_oper_list.symmetry_operation   x,y,z 
_pdbx_struct_oper_list.matrix[1][1]         1.0000000000 
_pdbx_struct_oper_list.matrix[1][2]         0.0000000000 
_pdbx_struct_oper_list.matrix[1][3]         0.0000000000 
_pdbx_struct_oper_list.vector[1]            0.0000000000 
_pdbx_struct_oper_list.matrix[2][1]         0.0000000000 
_pdbx_struct_oper_list.matrix[2][2]         1.0000000000 
_pdbx_struct_oper_list.matrix[2][3]         0.0000000000 
_pdbx_struct_oper_list.vector[2]            0.0000000000 
_pdbx_struct_oper_list.matrix[3][1]         0.0000000000 
_pdbx_struct_oper_list.matrix[3][2]         0.0000000000 
_pdbx_struct_oper_list.matrix[3][3]         1.0000000000 
_pdbx_struct_oper_list.vector[3]            0.0000000000 
# 
_struct_conf.conf_type_id            HELX_P 
_struct_conf.id                      HELX_P1 
_struct_conf.pdbx_PDB_helix_id       AA1 
_struct_conf.beg_label_comp_id       LEU 
_struct_conf.beg_label_asym_id       A 
_struct_conf.beg_label_seq_id        2 
_struct_conf.pdbx_beg_PDB_ins_code   ? 
_struct_conf.end_label_comp_id       GLN 
_struct_conf.end_label_asym_id       A 
_struct_conf.end_label_seq_id        8 
_struct_conf.pdbx_end_PDB_ins_code   ? 
_struct_conf.beg_auth_comp_id        LEU 
_struct_conf.beg_auth_asym_id        A 
_struct_conf.beg_auth_seq_id         2 
_struct_conf.end_auth_comp_id        GLN 
_struct_conf.end_auth_asym_id        A 
_struct_conf.end_auth_seq_id         8 
_struct_conf.pdbx_PDB_helix_class    1 
_struct_conf.details                 ? 
_struct_conf.pdbx_PDB_helix_length   7 
# 
_struct_conf_type.id          HELX_P 
_struct_conf_type.criteria    ? 
_struct_conf_type.reference   ? 
# 
loop_
_struct_conn.id 
_struct_conn.conn_type_id 
_struct_conn.pdbx_leaving_atom_flag 
_struct_conn.pdbx_PDB_id 
_struct_conn.ptnr1_label_asym_id 
_struct_conn.ptnr1_label_comp_id 
_struct_conn.ptnr1_label_seq_id 
_struct_conn.ptnr1_label_atom_id 
_struct_conn.pdbx_ptnr1_label_alt_id 
_struct_conn.pdbx_ptnr1_PDB_ins_code 
_struct_conn.pdbx_ptnr1_standard_comp_id 
_struct_conn.ptnr1_symmetry 
_struct_conn.ptnr2_label_asym_id 
_struct_conn.ptnr2_label_comp_id 
_struct_conn.ptnr2_label_seq_id 
_struct_conn.ptnr2_label_atom_id 
_struct_conn.pdbx_ptnr2_label_alt_id 
_struct_conn.pdbx_ptnr2_PDB_ins_code 
_struct_conn.ptnr1_auth_asym_id 
_struct_conn.ptnr1_auth_comp_id 
_struct_conn.ptnr1_auth_seq_id 
_struct_conn.ptnr2_auth_asym_id 
_struct_conn.ptnr2_auth_comp_id 
_struct_conn.ptnr2_auth_seq_id 
_struct_conn.ptnr2_symmetry 
_struct_conn.pdbx_ptnr3_label_atom_id 
_struct_conn.pdbx_ptnr3_label_seq_id 
_struct_conn.pdbx_ptnr3_label_comp_id 
_struct_conn.pdbx_ptnr3_label_asym_id 
_struct_conn.pdbx_ptnr3_label_alt_id 
_struct_conn.pdbx_ptnr3_PDB_ins_code 
_struct_conn.details 
_struct_conn.pdbx_dist_value 
_struct_conn.pdbx_value_order 
_struct_conn.pdbx_role 
covale1 covale one  ? A I6W 1  C02 A ? ? 1_555 A LEU 2  N   ? ? A I6W 1  A LEU 2  1_555 ? ? ? ? ? ? ? 1.424 ? ? 
covale2 covale one  ? A I6W 1  C02 B ? ? 1_555 A LEU 2  N   ? ? A I6W 1  A LEU 2  1_555 ? ? ? ? ? ? ? 1.432 ? ? 
covale3 covale both ? A LEU 2  C   ? ? ? 1_555 A AIB 3  N   ? ? A LEU 2  A AIB 3  1_555 ? ? ? ? ? ? ? 1.332 ? ? 
covale4 covale both ? A AIB 3  C   ? ? ? 1_555 A ALA 4  N   ? ? A AIB 3  A ALA 4  1_555 ? ? ? ? ? ? ? 1.330 ? ? 
covale5 covale both ? A LEU 6  C   ? ? ? 1_555 A AIB 7  N   ? ? A LEU 6  A AIB 7  1_555 ? ? ? ? ? ? ? 1.337 ? ? 
covale6 covale both ? A AIB 7  C   ? ? ? 1_555 A GLN 8  N   ? ? A AIB 7  A GLN 8  1_555 ? ? ? ? ? ? ? 1.330 ? ? 
covale7 covale both ? A GLN 8  C   ? ? ? 1_555 A AIB 9  N   ? ? A GLN 8  A AIB 9  1_555 ? ? ? ? ? ? ? 1.332 ? ? 
covale8 covale both ? A AIB 9  C   ? ? ? 1_555 A LEU 10 N   ? ? A AIB 9  A LEU 10 1_555 ? ? ? ? ? ? ? 1.334 ? ? 
covale9 covale one  ? A LEU 10 C   ? ? ? 1_555 A I77 11 N15 ? ? A LEU 10 A I77 11 1_555 ? ? ? ? ? ? ? 1.417 ? ? 
# 
_struct_conn_type.id          covale 
_struct_conn_type.criteria    ? 
_struct_conn_type.reference   ? 
# 
_pdbx_entry_details.entry_id                   7TMA 
_pdbx_entry_details.nonpolymer_details         ? 
_pdbx_entry_details.sequence_details           ? 
_pdbx_entry_details.compound_details           ? 
_pdbx_entry_details.source_details             ? 
_pdbx_entry_details.has_ligand_of_interest     N 
_pdbx_entry_details.has_protein_modification   ? 
# 
loop_
_space_group_symop.id 
_space_group_symop.operation_xyz 
1 x,y,z       
2 -x,y+1/2,-z 
# 
loop_
_chem_comp_atom.comp_id 
_chem_comp_atom.atom_id 
_chem_comp_atom.type_symbol 
_chem_comp_atom.pdbx_aromatic_flag 
_chem_comp_atom.pdbx_stereo_config 
_chem_comp_atom.pdbx_ordinal 
AIB N    N N N 1   
AIB CA   C N N 2   
AIB C    C N N 3   
AIB O    O N N 4   
AIB OXT  O N N 5   
AIB CB1  C N N 6   
AIB CB2  C N N 7   
AIB H    H N N 8   
AIB H2   H N N 9   
AIB HXT  H N N 10  
AIB HB11 H N N 11  
AIB HB12 H N N 12  
AIB HB13 H N N 13  
AIB HB21 H N N 14  
AIB HB22 H N N 15  
AIB HB23 H N N 16  
ALA N    N N N 17  
ALA CA   C N S 18  
ALA C    C N N 19  
ALA O    O N N 20  
ALA CB   C N N 21  
ALA OXT  O N N 22  
ALA H    H N N 23  
ALA H2   H N N 24  
ALA HA   H N N 25  
ALA HB1  H N N 26  
ALA HB2  H N N 27  
ALA HB3  H N N 28  
ALA HXT  H N N 29  
CCN N    N N N 30  
CCN C1   C N N 31  
CCN C2   C N N 32  
CCN H21  H N N 33  
CCN H22  H N N 34  
CCN H23  H N N 35  
GLN N    N N N 36  
GLN CA   C N S 37  
GLN C    C N N 38  
GLN O    O N N 39  
GLN CB   C N N 40  
GLN CG   C N N 41  
GLN CD   C N N 42  
GLN OE1  O N N 43  
GLN NE2  N N N 44  
GLN OXT  O N N 45  
GLN H    H N N 46  
GLN H2   H N N 47  
GLN HA   H N N 48  
GLN HB2  H N N 49  
GLN HB3  H N N 50  
GLN HG2  H N N 51  
GLN HG3  H N N 52  
GLN HE21 H N N 53  
GLN HE22 H N N 54  
GLN HXT  H N N 55  
HOH O    O N N 56  
HOH H1   H N N 57  
HOH H2   H N N 58  
I6W C05  C Y N 59  
I6W C08  C Y N 60  
I6W C09  C Y N 61  
I6W N10  N Y N 62  
I6W C02  C N N 63  
I6W C03  C Y N 64  
I6W C04  C Y N 65  
I6W C06  C Y N 66  
I6W C11  C Y N 67  
I6W C12  C Y N 68  
I6W C13  C N N 69  
I6W C15  C N N 70  
I6W C16  C N N 71  
I6W C18  C Y N 72  
I6W C19  C Y N 73  
I6W N07  N Y N 74  
I6W O01  O N N 75  
I6W O14  O N N 76  
I6W O17  O N N 77  
I6W H051 H N N 78  
I6W H1   H N N 79  
I6W H041 H N N 80  
I6W H061 H N N 81  
I6W H111 H N N 82  
I6W H152 H N N 83  
I6W H151 H N N 84  
I6W H162 H N N 85  
I6W H163 H N N 86  
I6W H161 H N N 87  
I6W H181 H N N 88  
I6W H191 H N N 89  
I77 C11  C Y N 90  
I77 C12  C Y N 91  
I77 C13  C N N 92  
I77 C17  C Y N 93  
I77 C18  C Y N 94  
I77 C02  C N N 95  
I77 C03  C Y N 96  
I77 C04  C Y N 97  
I77 C05  C Y N 98  
I77 C06  C Y N 99  
I77 C08  C Y N 100 
I77 C09  C Y N 101 
I77 N01  N N N 102 
I77 N07  N Y N 103 
I77 N10  N Y N 104 
I77 N14  N N N 105 
I77 N15  N N N 106 
I77 O16  O N N 107 
I77 O19  O N N 108 
I77 H111 H N N 109 
I77 H171 H N N 110 
I77 H181 H N N 111 
I77 H041 H N N 112 
I77 H051 H N N 113 
I77 H061 H N N 114 
I77 H011 H N N 115 
I77 H012 H N N 116 
I77 H141 H N N 117 
I77 H1   H N N 118 
I77 H2   H N N 119 
LEU N    N N N 120 
LEU CA   C N S 121 
LEU C    C N N 122 
LEU O    O N N 123 
LEU CB   C N N 124 
LEU CG   C N N 125 
LEU CD1  C N N 126 
LEU CD2  C N N 127 
LEU OXT  O N N 128 
LEU H    H N N 129 
LEU H2   H N N 130 
LEU HA   H N N 131 
LEU HB2  H N N 132 
LEU HB3  H N N 133 
LEU HG   H N N 134 
LEU HD11 H N N 135 
LEU HD12 H N N 136 
LEU HD13 H N N 137 
LEU HD21 H N N 138 
LEU HD22 H N N 139 
LEU HD23 H N N 140 
LEU HXT  H N N 141 
MET N    N N N 142 
MET CA   C N S 143 
MET C    C N N 144 
MET O    O N N 145 
MET CB   C N N 146 
MET CG   C N N 147 
MET SD   S N N 148 
MET CE   C N N 149 
MET OXT  O N N 150 
MET H    H N N 151 
MET H2   H N N 152 
MET HA   H N N 153 
MET HB2  H N N 154 
MET HB3  H N N 155 
MET HG2  H N N 156 
MET HG3  H N N 157 
MET HE1  H N N 158 
MET HE2  H N N 159 
MET HE3  H N N 160 
MET HXT  H N N 161 
# 
loop_
_chem_comp_bond.comp_id 
_chem_comp_bond.atom_id_1 
_chem_comp_bond.atom_id_2 
_chem_comp_bond.value_order 
_chem_comp_bond.pdbx_aromatic_flag 
_chem_comp_bond.pdbx_stereo_config 
_chem_comp_bond.pdbx_ordinal 
AIB N   CA   sing N N 1   
AIB N   H    sing N N 2   
AIB N   H2   sing N N 3   
AIB CA  C    sing N N 4   
AIB CA  CB1  sing N N 5   
AIB CA  CB2  sing N N 6   
AIB C   O    doub N N 7   
AIB C   OXT  sing N N 8   
AIB OXT HXT  sing N N 9   
AIB CB1 HB11 sing N N 10  
AIB CB1 HB12 sing N N 11  
AIB CB1 HB13 sing N N 12  
AIB CB2 HB21 sing N N 13  
AIB CB2 HB22 sing N N 14  
AIB CB2 HB23 sing N N 15  
ALA N   CA   sing N N 16  
ALA N   H    sing N N 17  
ALA N   H2   sing N N 18  
ALA CA  C    sing N N 19  
ALA CA  CB   sing N N 20  
ALA CA  HA   sing N N 21  
ALA C   O    doub N N 22  
ALA C   OXT  sing N N 23  
ALA CB  HB1  sing N N 24  
ALA CB  HB2  sing N N 25  
ALA CB  HB3  sing N N 26  
ALA OXT HXT  sing N N 27  
CCN N   C1   trip N N 28  
CCN C1  C2   sing N N 29  
CCN C2  H21  sing N N 30  
CCN C2  H22  sing N N 31  
CCN C2  H23  sing N N 32  
GLN N   CA   sing N N 33  
GLN N   H    sing N N 34  
GLN N   H2   sing N N 35  
GLN CA  C    sing N N 36  
GLN CA  CB   sing N N 37  
GLN CA  HA   sing N N 38  
GLN C   O    doub N N 39  
GLN C   OXT  sing N N 40  
GLN CB  CG   sing N N 41  
GLN CB  HB2  sing N N 42  
GLN CB  HB3  sing N N 43  
GLN CG  CD   sing N N 44  
GLN CG  HG2  sing N N 45  
GLN CG  HG3  sing N N 46  
GLN CD  OE1  doub N N 47  
GLN CD  NE2  sing N N 48  
GLN NE2 HE21 sing N N 49  
GLN NE2 HE22 sing N N 50  
GLN OXT HXT  sing N N 51  
HOH O   H1   sing N N 52  
HOH O   H2   sing N N 53  
I6W O01 C02  doub N N 54  
I6W C02 C03  sing N N 55  
I6W C03 C06  doub Y N 56  
I6W C03 C04  sing Y N 57  
I6W C06 N07  sing Y N 58  
I6W C04 C05  doub Y N 59  
I6W N07 C08  doub Y N 60  
I6W C05 C08  sing Y N 61  
I6W C08 C09  sing N N 62  
I6W C09 C19  doub Y N 63  
I6W C09 N10  sing Y N 64  
I6W C19 C18  sing Y N 65  
I6W N10 C11  doub Y N 66  
I6W C18 C12  doub Y N 67  
I6W C11 C12  sing Y N 68  
I6W C12 C13  sing N N 69  
I6W C13 O17  doub N N 70  
I6W C13 O14  sing N N 71  
I6W O14 C15  sing N N 72  
I6W C15 C16  sing N N 73  
I6W C05 H051 sing N N 74  
I6W C02 H1   sing N N 75  
I6W C04 H041 sing N N 76  
I6W C06 H061 sing N N 77  
I6W C11 H111 sing N N 78  
I6W C15 H152 sing N N 79  
I6W C15 H151 sing N N 80  
I6W C16 H162 sing N N 81  
I6W C16 H163 sing N N 82  
I6W C16 H161 sing N N 83  
I6W C18 H181 sing N N 84  
I6W C19 H191 sing N N 85  
I77 N15 N14  sing N N 86  
I77 O16 C13  doub N N 87  
I77 N14 C13  sing N N 88  
I77 C13 C12  sing N N 89  
I77 C12 C17  doub Y N 90  
I77 C12 C11  sing Y N 91  
I77 C17 C18  sing Y N 92  
I77 C11 N10  doub Y N 93  
I77 C18 C09  doub Y N 94  
I77 N10 C09  sing Y N 95  
I77 C09 C08  sing N N 96  
I77 C08 N07  doub Y N 97  
I77 C08 C05  sing Y N 98  
I77 N07 C06  sing Y N 99  
I77 C05 C04  doub Y N 100 
I77 C06 C03  doub Y N 101 
I77 C04 C03  sing Y N 102 
I77 C03 C02  sing N N 103 
I77 C02 N01  sing N N 104 
I77 C02 O19  doub N N 105 
I77 C11 H111 sing N N 106 
I77 C17 H171 sing N N 107 
I77 C18 H181 sing N N 108 
I77 C04 H041 sing N N 109 
I77 C05 H051 sing N N 110 
I77 C06 H061 sing N N 111 
I77 N01 H011 sing N N 112 
I77 N01 H012 sing N N 113 
I77 N14 H141 sing N N 114 
I77 N15 H1   sing N N 115 
I77 N15 H2   sing N N 116 
LEU N   CA   sing N N 117 
LEU N   H    sing N N 118 
LEU N   H2   sing N N 119 
LEU CA  C    sing N N 120 
LEU CA  CB   sing N N 121 
LEU CA  HA   sing N N 122 
LEU C   O    doub N N 123 
LEU C   OXT  sing N N 124 
LEU CB  CG   sing N N 125 
LEU CB  HB2  sing N N 126 
LEU CB  HB3  sing N N 127 
LEU CG  CD1  sing N N 128 
LEU CG  CD2  sing N N 129 
LEU CG  HG   sing N N 130 
LEU CD1 HD11 sing N N 131 
LEU CD1 HD12 sing N N 132 
LEU CD1 HD13 sing N N 133 
LEU CD2 HD21 sing N N 134 
LEU CD2 HD22 sing N N 135 
LEU CD2 HD23 sing N N 136 
LEU OXT HXT  sing N N 137 
MET N   CA   sing N N 138 
MET N   H    sing N N 139 
MET N   H2   sing N N 140 
MET CA  C    sing N N 141 
MET CA  CB   sing N N 142 
MET CA  HA   sing N N 143 
MET C   O    doub N N 144 
MET C   OXT  sing N N 145 
MET CB  CG   sing N N 146 
MET CB  HB2  sing N N 147 
MET CB  HB3  sing N N 148 
MET CG  SD   sing N N 149 
MET CG  HG2  sing N N 150 
MET CG  HG3  sing N N 151 
MET SD  CE   sing N N 152 
MET CE  HE1  sing N N 153 
MET CE  HE2  sing N N 154 
MET CE  HE3  sing N N 155 
MET OXT HXT  sing N N 156 
# 
_pdbx_audit_support.funding_organization   'Department of Energy (DOE, United States)' 
_pdbx_audit_support.country                ? 
_pdbx_audit_support.grant_number           DE-AC02-06CH11357 
_pdbx_audit_support.ordinal                1 
# 
_pdbx_initial_refinement_model.id               1 
_pdbx_initial_refinement_model.entity_id_list   ? 
_pdbx_initial_refinement_model.type             'experimental model' 
_pdbx_initial_refinement_model.source_name      PDB 
_pdbx_initial_refinement_model.accession_code   7TLS 
_pdbx_initial_refinement_model.details          ? 
# 
_space_group.name_H-M_alt     'P 1 21 1' 
_space_group.name_Hall        'P 2yb' 
_space_group.IT_number        4 
_space_group.crystal_system   monoclinic 
_space_group.id               1 
# 
_atom_sites.entry_id                    7TMA 
_atom_sites.Cartn_transf_matrix[1][1]   ? 
_atom_sites.Cartn_transf_matrix[1][2]   ? 
_atom_sites.Cartn_transf_matrix[1][3]   ? 
_atom_sites.Cartn_transf_matrix[2][1]   ? 
_atom_sites.Cartn_transf_matrix[2][2]   ? 
_atom_sites.Cartn_transf_matrix[2][3]   ? 
_atom_sites.Cartn_transf_matrix[3][1]   ? 
_atom_sites.Cartn_transf_matrix[3][2]   ? 
_atom_sites.Cartn_transf_matrix[3][3]   ? 
_atom_sites.Cartn_transf_vector[1]      ? 
_atom_sites.Cartn_transf_vector[2]      ? 
_atom_sites.Cartn_transf_vector[3]      ? 
_atom_sites.fract_transf_matrix[1][1]   0.01805412 
_atom_sites.fract_transf_matrix[1][2]   -0.00006950 
_atom_sites.fract_transf_matrix[1][3]   0.07156114 
_atom_sites.fract_transf_matrix[2][1]   -0.01509608 
_atom_sites.fract_transf_matrix[2][2]   -0.07206599 
_atom_sites.fract_transf_matrix[2][3]   0.00373859 
_atom_sites.fract_transf_matrix[3][1]   0.03560729 
_atom_sites.fract_transf_matrix[3][2]   -0.00761796 
_atom_sites.fract_transf_matrix[3][3]   -0.00306680 
_atom_sites.fract_transf_vector[1]      -0.104305 
_atom_sites.fract_transf_vector[2]      -0.229182 
_atom_sites.fract_transf_vector[3]      -0.325898 
_atom_sites.solution_primary            ? 
_atom_sites.solution_secondary          ? 
_atom_sites.solution_hydrogens          ? 
_atom_sites.special_details             ? 
# 
loop_
_atom_type.symbol 
_atom_type.scat_dispersion_real 
_atom_type.scat_dispersion_imag 
_atom_type.scat_Cromer_Mann_a1 
_atom_type.scat_Cromer_Mann_a2 
_atom_type.scat_Cromer_Mann_a3 
_atom_type.scat_Cromer_Mann_a4 
_atom_type.scat_Cromer_Mann_b1 
_atom_type.scat_Cromer_Mann_b2 
_atom_type.scat_Cromer_Mann_b3 
_atom_type.scat_Cromer_Mann_b4 
_atom_type.scat_Cromer_Mann_c 
_atom_type.scat_source 
_atom_type.scat_dispersion_source 
C ? ? 3.54356 2.42580 ?       ? 25.62398 1.50364  ?       ? 0.0 
;2-Gaussian fit: Grosse-Kunstleve RW, Sauter NK, Adams PD: Newsletter of the IUCr Commission on Crystallographic Computing 2004, 3, 22-31.
;
? 
H ? ? 0.53795 0.34799 0.11320 ? 10.08003 29.74760 2.57510 ? 0.0 
;3-Gaussian fit: Grosse-Kunstleve RW, Sauter NK, Adams PD: Newsletter of the IUCr Commission on Crystallographic Computing 2004, 3, 22-31.
;
? 
N ? ? 4.01032 2.96436 ?       ? 19.97189 1.75589  ?       ? 0.0 
;2-Gaussian fit: Grosse-Kunstleve RW, Sauter NK, Adams PD: Newsletter of the IUCr Commission on Crystallographic Computing 2004, 3, 22-31.
;
? 
O ? ? 4.49882 3.47563 ?       ? 15.80542 1.70748  ?       ? 0.0 
;2-Gaussian fit: Grosse-Kunstleve RW, Sauter NK, Adams PD: Newsletter of the IUCr Commission on Crystallographic Computing 2004, 3, 22-31.
;
? 
S ? ? 9.55732 6.39887 ?       ? 1.23737  29.19336 ?       ? 0.0 
;2-Gaussian fit: Grosse-Kunstleve RW, Sauter NK, Adams PD: Newsletter of the IUCr Commission on Crystallographic Computing 2004, 3, 22-31.
;
? 
# 
loop_
_atom_site.group_PDB 
_atom_site.id 
_atom_site.type_symbol 
_atom_site.label_atom_id 
_atom_site.label_alt_id 
_atom_site.label_comp_id 
_atom_site.label_asym_id 
_atom_site.label_entity_id 
_atom_site.label_seq_id 
_atom_site.pdbx_PDB_ins_code 
_atom_site.Cartn_x 
_atom_site.Cartn_y 
_atom_site.Cartn_z 
_atom_site.occupancy 
_atom_site.B_iso_or_equiv 
_atom_site.pdbx_formal_charge 
_atom_site.auth_seq_id 
_atom_site.auth_comp_id 
_atom_site.auth_asym_id 
_atom_site.auth_atom_id 
_atom_site.pdbx_PDB_model_num 
HETATM 1   C C05  A I6W A 1 1  ? 5.78736  -5.64396 5.12861   0.798 12.12665 ? 1   I6W A C05  1 
HETATM 2   C C05  B I6W A 1 1  ? 5.74335  -5.77462 3.81856   0.202 25.15084 ? 1   I6W A C05  1 
HETATM 3   C C08  A I6W A 1 1  ? 5.96058  -5.64759 6.47246   0.798 11.72854 ? 1   I6W A C08  1 
HETATM 4   C C08  B I6W A 1 1  ? 6.35182  -5.83073 5.03399   0.202 27.38348 ? 1   I6W A C08  1 
HETATM 5   C C09  A I6W A 1 1  ? 7.35886  -5.92533 6.98172   0.798 14.57624 ? 1   I6W A C09  1 
HETATM 6   C C09  B I6W A 1 1  ? 7.83834  -6.13166 5.14317   0.202 31.63054 ? 1   I6W A C09  1 
HETATM 7   N N10  A I6W A 1 1  ? 8.29636  -6.13071 6.09051   0.798 14.35233 ? 1   I6W A N10  1 
HETATM 8   N N10  B I6W A 1 1  ? 8.58430  -6.28819 4.07332   0.202 33.54644 ? 1   I6W A N10  1 
HETATM 9   C C02  A I6W A 1 1  ? 2.14528  -4.79372 4.86100   0.798 9.36248  ? 1   I6W A C02  1 
HETATM 10  C C02  B I6W A 1 1  ? 2.19259  -5.00007 4.93730   0.202 15.29039 ? 1   I6W A C02  1 
HETATM 11  C C03  A I6W A 1 1  ? 3.50751  -5.09645 5.49305   0.798 10.37904 ? 1   I6W A C03  1 
HETATM 12  C C03  B I6W A 1 1  ? 3.69607  -5.30413 4.95695   0.202 20.43944 ? 1   I6W A C03  1 
HETATM 13  C C04  A I6W A 1 1  ? 4.52398  -5.36016 4.60674   0.798 11.89510 ? 1   I6W A C04  1 
HETATM 14  C C04  B I6W A 1 1  ? 4.36670  -5.50025 3.75960   0.202 22.83670 ? 1   I6W A C04  1 
HETATM 15  C C06  A I6W A 1 1  ? 3.74492  -5.13376 6.85486   0.798 10.04887 ? 1   I6W A C06  1 
HETATM 16  C C06  B I6W A 1 1  ? 4.36591  -5.37723 6.15225   0.202 22.85878 ? 1   I6W A C06  1 
HETATM 17  C C11  A I6W A 1 1  ? 9.54875  -6.35158 6.44003   0.798 14.04587 ? 1   I6W A C11  1 
HETATM 18  C C11  B I6W A 1 1  ? 9.87445  -6.55260 4.15294   0.202 35.11116 ? 1   I6W A C11  1 
HETATM 19  C C12  A I6W A 1 1  ? 9.88201  -6.36909 7.77815   0.798 16.46527 ? 1   I6W A C12  1 
HETATM 20  C C12  B I6W A 1 1  ? 10.47376 -6.66735 5.39644   0.202 36.41492 ? 1   I6W A C12  1 
HETATM 21  C C13  A I6W A 1 1  ? 11.35465 -6.64053 8.17354   0.798 19.22082 ? 1   I6W A C13  1 
HETATM 22  C C13  B I6W A 1 1  ? 11.98645 -6.98591 5.56786   0.202 38.50418 ? 1   I6W A C13  1 
HETATM 23  C C15  A I6W A 1 1  ? 13.62470 -7.22423 7.47237   0.798 21.69763 ? 1   I6W A C15  1 
HETATM 24  C C15  B I6W A 1 1  ? 13.47436 -6.40461 7.27576   0.202 41.09241 ? 1   I6W A C15  1 
HETATM 25  C C16  A I6W A 1 1  ? 14.14712 -6.40756 8.68133   0.798 22.29187 ? 1   I6W A C16  1 
HETATM 26  C C16  B I6W A 1 1  ? 14.78537 -7.05465 6.88563   0.202 41.60939 ? 1   I6W A C16  1 
HETATM 27  C C18  A I6W A 1 1  ? 8.93294  -6.15437 8.74341   0.798 16.49084 ? 1   I6W A C18  1 
HETATM 28  C C18  B I6W A 1 1  ? 9.73020  -6.51370 6.53425   0.202 35.27964 ? 1   I6W A C18  1 
HETATM 29  C C19  A I6W A 1 1  ? 7.62546  -5.91449 8.32917   0.798 15.28065 ? 1   I6W A C19  1 
HETATM 30  C C19  B I6W A 1 1  ? 8.37581  -6.23665 6.40300   0.202 33.75530 ? 1   I6W A C19  1 
HETATM 31  N N07  A I6W A 1 1  ? 4.96990  -5.39435 7.31244   0.798 11.93957 ? 1   I6W A N07  1 
HETATM 32  N N07  B I6W A 1 1  ? 5.66218  -5.63920 6.15538   0.202 25.12081 ? 1   I6W A N07  1 
HETATM 33  O O01  A I6W A 1 1  ? 2.07403  -4.35058 3.74176   0.798 9.82977  ? 1   I6W A O01  1 
HETATM 34  O O01  B I6W A 1 1  ? 1.74324  -4.64685 3.88527   0.202 15.54785 ? 1   I6W A O01  1 
HETATM 35  O O14  A I6W A 1 1  ? 12.28874 -6.82311 7.11313   0.798 19.90606 ? 1   I6W A O14  1 
HETATM 36  O O14  B I6W A 1 1  ? 12.44527 -7.30780 6.87815   0.202 40.06383 ? 1   I6W A O14  1 
HETATM 37  O O17  A I6W A 1 1  ? 11.63740 -6.66756 9.30837   0.798 20.74561 ? 1   I6W A O17  1 
HETATM 38  O O17  B I6W A 1 1  ? 12.72168 -6.96512 4.65224   0.202 38.65519 ? 1   I6W A O17  1 
HETATM 39  H H051 A I6W A 1 1  ? 6.60694  -5.85549 4.47733   0.798 14.55198 ? 1   I6W A H051 1 
HETATM 40  H H051 B I6W A 1 1  ? 6.30344  -5.93658 2.92375   0.202 30.18101 ? 1   I6W A H051 1 
HETATM 41  H H041 A I6W A 1 1  ? 4.34401  -5.34767 3.50137   0.798 14.27412 ? 1   I6W A H041 1 
HETATM 42  H H041 B I6W A 1 1  ? 3.82877  -5.44183 2.77898   0.202 27.40404 ? 1   I6W A H041 1 
HETATM 43  H H061 A I6W A 1 1  ? 2.93258  -4.95057 7.55194   0.798 12.05864 ? 1   I6W A H061 1 
HETATM 44  H H061 B I6W A 1 1  ? 3.83588  -5.22128 7.08719   0.202 27.43053 ? 1   I6W A H061 1 
HETATM 45  H H111 A I6W A 1 1  ? 10.29448 -6.51459 5.69739   0.798 16.85504 ? 1   I6W A H111 1 
HETATM 46  H H111 B I6W A 1 1  ? 10.45169 -6.67708 3.26664   0.202 42.13339 ? 1   I6W A H111 1 
HETATM 47  H H152 A I6W A 1 1  ? 14.28138 -7.06154 6.62668   0.798 26.03715 ? 1   I6W A H152 1 
HETATM 48  H H152 B I6W A 1 1  ? 13.43971 -6.24597 8.34652   0.202 49.31089 ? 1   I6W A H152 1 
HETATM 49  H H151 A I6W A 1 1  ? 13.61948 -8.27545 7.73271   0.798 26.03715 ? 1   I6W A H151 1 
HETATM 50  H H151 B I6W A 1 1  ? 13.35948 -5.45753 6.76320   0.202 49.31089 ? 1   I6W A H151 1 
HETATM 51  H H162 A I6W A 1 1  ? 13.85285 -6.91159 9.62079   0.798 26.75024 ? 1   I6W A H162 1 
HETATM 52  H H162 B I6W A 1 1  ? 15.33869 -6.38527 6.20081   0.202 49.93127 ? 1   I6W A H162 1 
HETATM 53  H H163 A I6W A 1 1  ? 13.71110 -5.39147 8.65520   0.798 26.75024 ? 1   I6W A H163 1 
HETATM 54  H H163 B I6W A 1 1  ? 14.58278 -8.01632 6.37829   0.202 49.93127 ? 1   I6W A H163 1 
HETATM 55  H H161 A I6W A 1 1  ? 15.24969 -6.33767 8.62949   0.798 26.75024 ? 1   I6W A H161 1 
HETATM 56  H H161 B I6W A 1 1  ? 15.39058 -7.23637 7.79334   0.202 49.93127 ? 1   I6W A H161 1 
HETATM 57  H H181 A I6W A 1 1  ? 9.19238  -6.17067 9.80196   0.798 19.78901 ? 1   I6W A H181 1 
HETATM 58  H H181 B I6W A 1 1  ? 10.18801 -6.60614 7.51912   0.202 42.33557 ? 1   I6W A H181 1 
HETATM 59  H H191 A I6W A 1 1  ? 6.83624  -5.72360 9.05335   0.798 18.33677 ? 1   I6W A H191 1 
HETATM 60  H H191 B I6W A 1 1  ? 7.75063  -6.10490 7.28365   0.202 40.50636 ? 1   I6W A H191 1 
ATOM   61  N N    . LEU A 1 2  ? 1.07561  -4.75827 5.80002   1.000 9.44143  ? 2   LEU A N    1 
ATOM   62  C CA   . LEU A 1 2  ? -0.18865 -4.36738 5.21600   1.000 7.55724  ? 2   LEU A CA   1 
ATOM   63  C C    . LEU A 1 2  ? -0.15264 -2.94664 4.64655   1.000 6.76010  ? 2   LEU A C    1 
ATOM   64  O O    . LEU A 1 2  ? -0.65832 -2.69231 3.55244   1.000 6.97554  ? 2   LEU A O    1 
ATOM   65  C CB   . LEU A 1 2  ? -1.28110 -4.50109 6.27623   1.000 8.10855  ? 2   LEU A CB   1 
ATOM   66  C CG   . LEU A 1 2  ? -2.67122 -4.05174 5.82660   1.000 8.49133  ? 2   LEU A CG   1 
ATOM   67  C CD1  . LEU A 1 2  ? -3.15858 -4.84033 4.63100   1.000 8.76701  ? 2   LEU A CD1  1 
ATOM   68  C CD2  . LEU A 1 2  ? -3.67590 -4.16095 6.98464   1.000 8.89948  ? 2   LEU A CD2  1 
ATOM   69  H H1   . LEU A 1 2  ? 1.20243  -4.44590 6.59026   1.000 11.32972 ? 2   LEU A H1   1 
ATOM   70  H HA   . LEU A 1 2  ? -0.39511 -4.94961 4.46815   1.000 9.06869  ? 2   LEU A HA   1 
ATOM   71  H HB2  . LEU A 1 2  ? -1.34509 -5.43374 6.53501   1.000 9.73026  ? 2   LEU A HB2  1 
ATOM   72  H HB3  . LEU A 1 2  ? -1.03296 -3.96047 7.04242   1.000 9.73026  ? 2   LEU A HB3  1 
ATOM   73  H HG   . LEU A 1 2  ? -2.61155 -3.12257 5.55460   1.000 10.18960 ? 2   LEU A HG   1 
ATOM   74  H HD11 . LEU A 1 2  ? -2.59429 -4.63854 3.86827   1.000 10.52041 ? 2   LEU A HD11 1 
ATOM   75  H HD12 . LEU A 1 2  ? -3.11091 -5.78713 4.83644   1.000 10.52041 ? 2   LEU A HD12 1 
ATOM   76  H HD13 . LEU A 1 2  ? -4.07574 -4.58917 4.43957   1.000 10.52041 ? 2   LEU A HD13 1 
ATOM   77  H HD21 . LEU A 1 2  ? -3.75941 -5.09202 7.24354   1.000 10.67938 ? 2   LEU A HD21 1 
ATOM   78  H HD22 . LEU A 1 2  ? -3.35220 -3.63700 7.73404   1.000 10.67938 ? 2   LEU A HD22 1 
ATOM   79  H HD23 . LEU A 1 2  ? -4.53539 -3.82114 6.69018   1.000 10.67938 ? 2   LEU A HD23 1 
HETATM 80  N N    . AIB A 1 3  ? 0.42846  -2.00779 5.39186   1.000 6.51934  ? 3   AIB A N    1 
HETATM 81  C CA   . AIB A 1 3  ? 0.45594  -0.63773 4.95643   1.000 5.84458  ? 3   AIB A CA   1 
HETATM 82  C C    . AIB A 1 3  ? 0.99140  -0.49867 3.52082   1.000 5.94303  ? 3   AIB A C    1 
HETATM 83  O O    . AIB A 1 3  ? 0.44317  0.18972  2.66528   1.000 6.42742  ? 3   AIB A O    1 
HETATM 84  C CB1  . AIB A 1 3  ? -0.95500 -0.02887 5.02684   1.000 6.53678  ? 3   AIB A CB1  1 
HETATM 85  C CB2  . AIB A 1 3  ? 1.33215  0.14739  5.90828   1.000 6.62231  ? 3   AIB A CB2  1 
HETATM 86  H H    . AIB A 1 3  ? 0.56839  -2.07132 6.38100   1.000 7.82321  ? 3   AIB A H    1 
HETATM 87  H HB11 . AIB A 1 3  ? -1.66108 -0.64398 4.41977   1.000 7.84414  ? 3   AIB A HB11 1 
HETATM 88  H HB12 . AIB A 1 3  ? -1.30348 -0.00806 6.08683   1.000 7.84414  ? 3   AIB A HB12 1 
HETATM 89  H HB13 . AIB A 1 3  ? -0.93607 1.01233  4.62560   1.000 7.84414  ? 3   AIB A HB13 1 
HETATM 90  H HB21 . AIB A 1 3  ? 1.37942  1.21025  5.56802   1.000 7.94677  ? 3   AIB A HB21 1 
HETATM 91  H HB22 . AIB A 1 3  ? 0.89348  0.09618  6.93426   1.000 7.94677  ? 3   AIB A HB22 1 
HETATM 92  H HB23 . AIB A 1 3  ? 2.35714  -0.29655 5.91084   1.000 7.94677  ? 3   AIB A HB23 1 
ATOM   93  N N    . ALA A 1 4  ? 2.10708  -1.17306 3.25582   1.000 6.36411  ? 4   ALA A N    1 
ATOM   94  C CA   . ALA A 1 4  ? 2.71145  -1.11125 1.92126   1.000 6.76381  ? 4   ALA A CA   1 
ATOM   95  C C    . ALA A 1 4  ? 1.76657  -1.61580 0.82514   1.000 6.24620  ? 4   ALA A C    1 
ATOM   96  O O    . ALA A 1 4  ? 1.77009  -1.10738 -0.30798  1.000 7.07714  ? 4   ALA A O    1 
ATOM   97  C CB   . ALA A 1 4  ? 4.01760  -1.88771 1.88802   1.000 8.38136  ? 4   ALA A CB   1 
ATOM   98  H H    . ALA A 1 4  ? 2.52868  -1.66625 3.82027   1.000 7.63693  ? 4   ALA A H    1 
ATOM   99  H HA   . ALA A 1 4  ? 2.90176  -0.17984 1.72842   1.000 8.11657  ? 4   ALA A HA   1 
ATOM   100 H HB1  . ALA A 1 4  ? 4.39559  -1.83185 0.99644   1.000 10.05764 ? 4   ALA A HB1  1 
ATOM   101 H HB2  . ALA A 1 4  ? 4.63121  -1.50125 2.53225   1.000 10.05764 ? 4   ALA A HB2  1 
ATOM   102 H HB3  . ALA A 1 4  ? 3.84017  -2.81403 2.11463   1.000 10.05764 ? 4   ALA A HB3  1 
ATOM   103 N N    A MET A 1 5  ? 0.97114  -2.63389 1.16480   0.604 6.21192  ? 5   MET A N    1 
ATOM   104 N N    B MET A 1 5  ? 0.95874  -2.62027 1.16469   0.396 6.56383  ? 5   MET A N    1 
ATOM   105 C CA   A MET A 1 5  ? 0.04290  -3.20351 0.19194   0.604 6.99510  ? 5   MET A CA   1 
ATOM   106 C CA   B MET A 1 5  ? 0.03965  -3.19885 0.19072   0.396 7.41090  ? 5   MET A CA   1 
ATOM   107 C C    A MET A 1 5  ? -1.08629 -2.24161 -0.15448  0.604 5.98704  ? 5   MET A C    1 
ATOM   108 C C    B MET A 1 5  ? -1.12590 -2.27323 -0.12651  0.396 6.83086  ? 5   MET A C    1 
ATOM   109 O O    A MET A 1 5  ? -1.69260 -2.37529 -1.22752  0.604 6.21381  ? 5   MET A O    1 
ATOM   110 O O    B MET A 1 5  ? -1.81114 -2.47940 -1.13750  0.396 7.41285  ? 5   MET A O    1 
ATOM   111 C CB   A MET A 1 5  ? -0.55724 -4.51655 0.70496   0.604 8.11505  ? 5   MET A CB   1 
ATOM   112 C CB   B MET A 1 5  ? -0.49471 -4.52453 0.71920   0.396 8.61424  ? 5   MET A CB   1 
ATOM   113 C CG   A MET A 1 5  ? 0.44465  -5.59050 1.12012   0.604 10.28066 ? 5   MET A CG   1 
ATOM   114 C CG   B MET A 1 5  ? 0.58825  -5.50932 1.09435   0.396 10.68435 ? 5   MET A CG   1 
ATOM   115 S SD   A MET A 1 5  ? -0.33675 -6.94439 2.04907   0.604 10.87088 ? 5   MET A SD   1 
ATOM   116 S SD   B MET A 1 5  ? 0.18886  -7.20654 0.66972   0.396 11.38833 ? 5   MET A SD   1 
ATOM   117 C CE   A MET A 1 5  ? 1.11198  -7.74503 2.72829   0.604 11.95900 ? 5   MET A CE   1 
ATOM   118 C CE   B MET A 1 5  ? 0.86848  -8.06093 2.09270   0.396 13.20793 ? 5   MET A CE   1 
ATOM   119 H H    A MET A 1 5  ? 0.95138  -3.00556 1.94008   0.604 7.45430  ? 5   MET A H    1 
ATOM   120 H H    B MET A 1 5  ? 0.92466  -2.98038 1.94493   0.396 7.87660  ? 5   MET A H    1 
ATOM   121 H HA   A MET A 1 5  ? 0.55007  -3.40920 -0.60892  0.604 8.39412  ? 5   MET A HA   1 
ATOM   122 H HA   B MET A 1 5  ? 0.52839  -3.37089 -0.62929  0.396 8.89308  ? 5   MET A HA   1 
ATOM   123 H HB2  A MET A 1 5  ? -1.10296 -4.31761 1.48182   0.604 9.73806  ? 5   MET A HB2  1 
ATOM   124 H HB2  B MET A 1 5  ? -1.02676 -4.35281 1.51187   0.396 10.33709 ? 5   MET A HB2  1 
ATOM   125 H HB3  A MET A 1 5  ? -1.10738 -4.89420 0.00096   0.604 9.73806  ? 5   MET A HB3  1 
ATOM   126 H HB3  B MET A 1 5  ? -1.04418 -4.93518 0.03337   0.396 10.33709 ? 5   MET A HB3  1 
ATOM   127 H HG2  A MET A 1 5  ? 0.85403  -5.96703 0.32544   0.604 12.33680 ? 5   MET A HG2  1 
ATOM   128 H HG2  B MET A 1 5  ? 1.40432  -5.27056 0.62753   0.396 12.82122 ? 5   MET A HG2  1 
ATOM   129 H HG3  A MET A 1 5  ? 1.12375  -5.18981 1.68507   0.604 12.33680 ? 5   MET A HG3  1 
ATOM   130 H HG3  B MET A 1 5  ? 0.73041  -5.46861 2.05302   0.396 12.82122 ? 5   MET A HG3  1 
ATOM   131 H HE1  A MET A 1 5  ? 0.83123  -8.49847 3.27087   0.604 14.35081 ? 5   MET A HE1  1 
ATOM   132 H HE1  B MET A 1 5  ? 1.11873  -8.96078 1.83092   0.396 15.84951 ? 5   MET A HE1  1 
ATOM   133 H HE2  A MET A 1 5  ? 1.67337  -8.05307 1.99968   0.604 14.35081 ? 5   MET A HE2  1 
ATOM   134 H HE2  B MET A 1 5  ? 1.64914  -7.57880 2.40737   0.396 15.84951 ? 5   MET A HE2  1 
ATOM   135 H HE3  A MET A 1 5  ? 1.59850  -7.10750 3.27397   0.604 14.35081 ? 5   MET A HE3  1 
ATOM   136 H HE3  B MET A 1 5  ? 0.19656  -8.09452 2.79148   0.396 15.84951 ? 5   MET A HE3  1 
ATOM   137 N N    . LEU A 1 6  ? -1.37746 -1.28046 0.71823   1.000 6.35637  ? 6   LEU A N    1 
ATOM   138 C CA   . LEU A 1 6  ? -2.35985 -0.25510 0.42399   1.000 6.17301  ? 6   LEU A CA   1 
ATOM   139 C C    . LEU A 1 6  ? -1.70065 0.96541  -0.23492  1.000 5.91789  ? 6   LEU A C    1 
ATOM   140 O O    . LEU A 1 6  ? -2.21852 1.52105  -1.22244  1.000 6.47897  ? 6   LEU A O    1 
ATOM   141 C CB   . LEU A 1 6  ? -3.11006 0.15554  1.69424   1.000 6.73075  ? 6   LEU A CB   1 
ATOM   142 C CG   . LEU A 1 6  ? -3.88539 -0.96931 2.38048   1.000 8.05972  ? 6   LEU A CG   1 
ATOM   143 C CD1  . LEU A 1 6  ? -4.60256 -0.44657 3.61363   1.000 9.21518  ? 6   LEU A CD1  1 
ATOM   144 C CD2  . LEU A 1 6  ? -4.86175 -1.64106 1.43175   1.000 9.46584  ? 6   LEU A CD2  1 
ATOM   145 H H    . LEU A 1 6  ? -1.01371 -1.20376 1.49372   1.000 7.62765  ? 6   LEU A H    1 
ATOM   146 H HA   . LEU A 1 6  ? -3.01292 -0.61048 -0.19899  1.000 7.40761  ? 6   LEU A HA   1 
ATOM   147 H HB2  . LEU A 1 6  ? -2.46545 0.49711  2.33354   1.000 8.07690  ? 6   LEU A HB2  1 
ATOM   148 H HB3  . LEU A 1 6  ? -3.74723 0.84930  1.46267   1.000 8.07690  ? 6   LEU A HB3  1 
ATOM   149 H HG   . LEU A 1 6  ? -3.25124 -1.64757 2.66105   1.000 9.67167  ? 6   LEU A HG   1 
ATOM   150 H HD11 . LEU A 1 6  ? -5.06165 -1.18257 4.04770   1.000 11.05822 ? 6   LEU A HD11 1 
ATOM   151 H HD12 . LEU A 1 6  ? -3.94992 -0.06083 4.21875   1.000 11.05822 ? 6   LEU A HD12 1 
ATOM   152 H HD13 . LEU A 1 6  ? -5.24332 0.22967  3.34339   1.000 11.05822 ? 6   LEU A HD13 1 
ATOM   153 H HD21 . LEU A 1 6  ? -4.36256 -2.12397 0.75463   1.000 11.35901 ? 6   LEU A HD21 1 
ATOM   154 H HD22 . LEU A 1 6  ? -5.41788 -2.25652 1.93454   1.000 11.35901 ? 6   LEU A HD22 1 
ATOM   155 H HD23 . LEU A 1 6  ? -5.41413 -0.96188 1.01400   1.000 11.35901 ? 6   LEU A HD23 1 
HETATM 156 N N    . AIB A 1 7  ? -0.54900 1.36368  0.31426   1.000 5.67979  ? 7   AIB A N    1 
HETATM 157 C CA   . AIB A 1 7  ? 0.18819  2.53370  -0.10740  1.000 5.67935  ? 7   AIB A CA   1 
HETATM 158 C C    . AIB A 1 7  ? 0.62057  2.48007  -1.57844  1.000 5.85607  ? 7   AIB A C    1 
HETATM 159 O O    . AIB A 1 7  ? 0.88050  3.49835  -2.22272  1.000 6.38630  ? 7   AIB A O    1 
HETATM 160 C CB1  . AIB A 1 7  ? -0.61815 3.83566  0.10501   1.000 7.20263  ? 7   AIB A CB1  1 
HETATM 161 C CB2  . AIB A 1 7  ? 1.50965  2.59474  0.70928   1.000 6.71389  ? 7   AIB A CB2  1 
HETATM 162 H H    . AIB A 1 7  ? 0.07644  0.74510  0.79196   1.000 6.81575  ? 7   AIB A H    1 
HETATM 163 H HB11 . AIB A 1 7  ? -1.49939 3.84853  -0.57960  1.000 8.64316  ? 7   AIB A HB11 1 
HETATM 164 H HB12 . AIB A 1 7  ? -0.97277 3.89059  1.16174   1.000 8.64316  ? 7   AIB A HB12 1 
HETATM 165 H HB13 . AIB A 1 7  ? 0.02884  4.71871  -0.11199  1.000 8.64316  ? 7   AIB A HB13 1 
HETATM 166 H HB21 . AIB A 1 7  ? 2.18290  3.36270  0.25688   1.000 8.05666  ? 7   AIB A HB21 1 
HETATM 167 H HB22 . AIB A 1 7  ? 1.27336  2.87154  1.76532   1.000 8.05666  ? 7   AIB A HB22 1 
HETATM 168 H HB23 . AIB A 1 7  ? 2.00286  1.59294  0.68047   1.000 8.05666  ? 7   AIB A HB23 1 
ATOM   169 N N    . GLN A 1 8  ? 0.72662  1.26394  -2.10739  1.000 5.72235  ? 8   GLN A N    1 
ATOM   170 C CA   . GLN A 1 8  ? 1.05344  1.09724  -3.52035  1.000 5.20258  ? 8   GLN A CA   1 
ATOM   171 C C    . GLN A 1 8  ? 0.18565  1.92128  -4.45054  1.000 5.30645  ? 8   GLN A C    1 
ATOM   172 O O    . GLN A 1 8  ? 0.63748  2.32820  -5.53421  1.000 5.52398  ? 8   GLN A O    1 
ATOM   173 C CB   . GLN A 1 8  ? 1.09234  -0.37466 -3.90518  1.000 5.42867  ? 8   GLN A CB   1 
ATOM   174 C CG   . GLN A 1 8  ? -0.26051 -1.01652 -3.93198  1.000 5.25408  ? 8   GLN A CG   1 
ATOM   175 C CD   . GLN A 1 8  ? -0.22135 -2.44065 -4.46191  1.000 5.05347  ? 8   GLN A CD   1 
ATOM   176 O OE1  . GLN A 1 8  ? 0.32162  -2.68168 -5.54469  1.000 5.73163  ? 8   GLN A OE1  1 
ATOM   177 N NE2  . GLN A 1 8  ? -0.76117 -3.39818 -3.70618  1.000 5.91324  ? 8   GLN A NE2  1 
ATOM   178 H H    . GLN A 1 8  ? 0.61540  0.52918  -1.67453  1.000 6.86682  ? 8   GLN A H    1 
ATOM   179 H HA   . GLN A 1 8  ? 1.94836  1.44565  -3.65683  1.000 6.24309  ? 8   GLN A HA   1 
ATOM   180 H HB2  . GLN A 1 8  ? 1.47879  -0.45693 -4.79106  1.000 6.51441  ? 8   GLN A HB2  1 
ATOM   181 H HB3  . GLN A 1 8  ? 1.63640  -0.85303 -3.26015  1.000 6.51441  ? 8   GLN A HB3  1 
ATOM   182 H HG2  . GLN A 1 8  ? -0.61726 -1.04107 -3.03030  1.000 6.30489  ? 8   GLN A HG2  1 
ATOM   183 H HG3  . GLN A 1 8  ? -0.84562 -0.49812 -4.50627  1.000 6.30489  ? 8   GLN A HG3  1 
ATOM   184 H HE21 . GLN A 1 8  ? -1.11498 -3.19934 -2.94798  1.000 7.09588  ? 8   GLN A HE21 1 
ATOM   185 H HE22 . GLN A 1 8  ? -0.75539 -4.21436 -3.97717  1.000 7.09588  ? 8   GLN A HE22 1 
HETATM 186 N N    . AIB A 1 9  ? -1.05701 2.16123  -4.03649  1.000 5.00244  ? 9   AIB A N    1 
HETATM 187 C CA   . AIB A 1 9  ? -1.98872 2.96441  -4.78955  1.000 5.66363  ? 9   AIB A CA   1 
HETATM 188 C C    . AIB A 1 9  ? -1.45923 4.34792  -5.15501  1.000 5.22960  ? 9   AIB A C    1 
HETATM 189 O O    . AIB A 1 9  ? -1.88132 4.99516  -6.11214  1.000 6.17701  ? 9   AIB A O    1 
HETATM 190 C CB1  . AIB A 1 9  ? -2.40969 2.25841  -6.10221  1.000 5.82106  ? 9   AIB A CB1  1 
HETATM 191 C CB2  . AIB A 1 9  ? -3.24692 3.19768  -3.91433  1.000 6.35080  ? 9   AIB A CB2  1 
HETATM 192 H H    . AIB A 1 9  ? -1.55870 1.56972  -3.40369  1.000 6.00293  ? 9   AIB A H    1 
HETATM 193 H HB11 . AIB A 1 9  ? -2.89212 1.28030  -5.86552  1.000 6.98527  ? 9   AIB A HB11 1 
HETATM 194 H HB12 . AIB A 1 9  ? -3.13329 2.89993  -6.65927  1.000 6.98527  ? 9   AIB A HB12 1 
HETATM 195 H HB13 . AIB A 1 9  ? -1.51056 2.08029  -6.73885  1.000 6.98527  ? 9   AIB A HB13 1 
HETATM 196 H HB21 . AIB A 1 9  ? -3.66110 2.20905  -3.60011  1.000 7.62095  ? 9   AIB A HB21 1 
HETATM 197 H HB22 . AIB A 1 9  ? -2.95959 3.79270  -3.01373  1.000 7.62095  ? 9   AIB A HB22 1 
HETATM 198 H HB23 . AIB A 1 9  ? -4.00819 3.75598  -4.51139  1.000 7.62095  ? 9   AIB A HB23 1 
ATOM   199 N N    . LEU A 1 10 ? -0.54099 4.84543  -4.32485  1.000 5.71843  ? 10  LEU A N    1 
ATOM   200 C CA   . LEU A 1 10 ? 0.04566  6.17847  -4.48304  1.000 6.37701  ? 10  LEU A CA   1 
ATOM   201 C C    . LEU A 1 10 ? 1.49031  6.12485  -4.98176  1.000 7.75997  ? 10  LEU A C    1 
ATOM   202 O O    . LEU A 1 10 ? 2.18482  7.12588  -5.14651  1.000 10.10282 ? 10  LEU A O    1 
ATOM   203 C CB   . LEU A 1 10 ? 0.03207  6.91755  -3.14142  1.000 6.95770  ? 10  LEU A CB   1 
ATOM   204 C CG   . LEU A 1 10 ? -1.35470 7.13453  -2.52464  1.000 6.56330  ? 10  LEU A CG   1 
ATOM   205 C CD1  . LEU A 1 10 ? -1.24269 7.86266  -1.20337  1.000 7.53188  ? 10  LEU A CD1  1 
ATOM   206 C CD2  . LEU A 1 10 ? -2.26265 7.89104  -3.45250  1.000 7.27131  ? 10  LEU A CD2  1 
ATOM   207 H H    . LEU A 1 10 ? -0.23256 4.41998  -3.64407  1.000 6.86211  ? 10  LEU A H    1 
ATOM   208 H HA   . LEU A 1 10 ? -0.48430 6.65905  -5.13810  1.000 7.65241  ? 10  LEU A HA   1 
ATOM   209 H HB2  . LEU A 1 10 ? 0.55508  6.40466  -2.50556  1.000 8.34924  ? 10  LEU A HB2  1 
ATOM   210 H HB3  . LEU A 1 10 ? 0.43170  7.79186  -3.27100  1.000 8.34924  ? 10  LEU A HB3  1 
ATOM   211 H HG   . LEU A 1 10 ? -1.75160 6.26326  -2.36888  1.000 7.87595  ? 10  LEU A HG   1 
ATOM   212 H HD11 . LEU A 1 10 ? -2.13392 8.05227  -0.87073  1.000 9.03826  ? 10  LEU A HD11 1 
ATOM   213 H HD12 . LEU A 1 10 ? -0.76677 7.30039  -0.57229  1.000 9.03826  ? 10  LEU A HD12 1 
ATOM   214 H HD13 . LEU A 1 10 ? -0.75721 8.69130  -1.33960  1.000 9.03826  ? 10  LEU A HD13 1 
ATOM   215 H HD21 . LEU A 1 10 ? -2.46366 7.33440  -4.22103  1.000 8.72557  ? 10  LEU A HD21 1 
ATOM   216 H HD22 . LEU A 1 10 ? -3.08118 8.11319  -2.98180  1.000 8.72557  ? 10  LEU A HD22 1 
ATOM   217 H HD23 . LEU A 1 10 ? -1.81558 8.70255  -3.73971  1.000 8.72557  ? 10  LEU A HD23 1 
HETATM 218 C C11  . I77 A 1 11 ? 6.08779  4.20009  -5.90782  1.000 10.82639 ? 11  I77 A C11  1 
HETATM 219 C C12  . I77 A 1 11 ? 5.25504  4.34501  -7.00143  1.000 8.97933  ? 11  I77 A C12  1 
HETATM 220 C C13  . I77 A 1 11 ? 3.78632  4.67964  -6.84512  1.000 9.89300  ? 11  I77 A C13  1 
HETATM 221 C C17  . I77 A 1 11 ? 5.73818  4.16473  -8.28737  1.000 8.13752  ? 11  I77 A C17  1 
HETATM 222 C C18  . I77 A 1 11 ? 7.05627  3.84583  -8.44027  1.000 7.11372  ? 11  I77 A C18  1 
HETATM 223 C C02  . I77 A 1 11 ? 13.37128 2.41976  -7.85192  1.000 6.49481  ? 11  I77 A C02  1 
HETATM 224 C C03  . I77 A 1 11 ? 11.89281 2.80505  -7.75552  1.000 5.94840  ? 11  I77 A C03  1 
HETATM 225 C C04  . I77 A 1 11 ? 11.38302 2.93126  -6.48524  1.000 7.64746  ? 11  I77 A C04  1 
HETATM 226 C C05  . I77 A 1 11 ? 10.05130 3.24259  -6.36646  1.000 7.28865  ? 11  I77 A C05  1 
HETATM 227 C C06  . I77 A 1 11 ? 11.08241 2.96600  -8.86954  1.000 7.41448  ? 11  I77 A C06  1 
HETATM 228 C C08  . I77 A 1 11 ? 9.29245  3.39171  -7.50121  1.000 6.53053  ? 11  I77 A C08  1 
HETATM 229 C C09  . I77 A 1 11 ? 7.84341  3.73340  -7.31641  1.000 7.62393  ? 11  I77 A C09  1 
HETATM 230 N N01  . I77 A 1 11 ? 13.88261 2.16345  -9.16155  1.000 6.63234  ? 11  I77 A N01  1 
HETATM 231 N N07  . I77 A 1 11 ? 9.79910  3.26195  -8.71311  1.000 7.49203  ? 11  I77 A N07  1 
HETATM 232 N N10  . I77 A 1 11 ? 7.36173  3.89909  -6.09305  1.000 10.79518 ? 11  I77 A N10  1 
HETATM 233 N N14  . I77 A 1 11 ? 3.27770  4.58316  -5.51425  1.000 8.49004  ? 11  I77 A N14  1 
HETATM 234 N N15  . I77 A 1 11 ? 1.92504  4.81664  -5.31075  1.000 7.82705  ? 11  I77 A N15  1 
HETATM 235 O O16  . I77 A 1 11 ? 3.10035  5.01773  -7.75185  1.000 13.88111 ? 11  I77 A O16  1 
HETATM 236 O O19  . I77 A 1 11 ? 14.04956 2.29363  -6.88225  1.000 7.73848  ? 11  I77 A O19  1 
HETATM 237 H H111 . I77 A 1 11 ? 5.70070  4.33174  -4.90928  1.000 12.99167 ? 11  I77 A H111 1 
HETATM 238 H H171 . I77 A 1 11 ? 5.08410  4.27451  -9.15237  1.000 9.76503  ? 11  I77 A H171 1 
HETATM 239 H H181 . I77 A 1 11 ? 7.47672  3.68365  -9.43055  1.000 8.53647  ? 11  I77 A H181 1 
HETATM 240 H H041 . I77 A 1 11 ? 12.00269 2.79169  -5.61921  1.000 9.17695  ? 11  I77 A H041 1 
HETATM 241 H H051 . I77 A 1 11 ? 9.60379  3.36928  -5.38840  1.000 8.74638  ? 11  I77 A H051 1 
HETATM 242 H H061 . I77 A 1 11 ? 11.49535 2.85062  -9.86187  1.000 8.89737  ? 11  I77 A H061 1 
HETATM 243 H H011 . I77 A 1 11 ? 13.28677 2.26224  -9.95437  1.000 7.95881  ? 11  I77 A H011 1 
HETATM 244 H H012 . I77 A 1 11 ? 14.84817 1.89777  -9.27371  1.000 7.95881  ? 11  I77 A H012 1 
HETATM 245 H H141 . I77 A 1 11 ? 3.88337  4.35222  -4.74492  1.000 10.18805 ? 11  I77 A H141 1 
HETATM 246 N N    . CCN B 2 .  ? -3.54358 -1.32571 -5.23646  1.000 9.19547  ? 201 CCN A N    1 
HETATM 247 C C1   . CCN B 2 .  ? -3.88960 -1.11343 -4.18100  1.000 7.52497  ? 201 CCN A C1   1 
HETATM 248 C C2   . CCN B 2 .  ? -4.34780 -0.83253 -2.76526  1.000 7.04483  ? 201 CCN A C2   1 
HETATM 249 H H21  . CCN B 2 .  ? -5.36405 -0.45859 -2.78224  1.000 8.45380  ? 201 CCN A H21  1 
HETATM 250 H H22  . CCN B 2 .  ? -3.69802 -0.09181 -2.31581  1.000 8.45380  ? 201 CCN A H22  1 
HETATM 251 H H23  . CCN B 2 .  ? -4.30900 -1.74632 -2.18528  1.000 8.45380  ? 201 CCN A H23  1 
HETATM 252 N N    . CCN C 2 .  ? -0.55089 3.35070  3.71542   1.000 17.65608 ? 202 CCN A N    1 
HETATM 253 C C1   . CCN C 2 .  ? 0.26805  3.94003  4.23061   1.000 15.40009 ? 202 CCN A C1   1 
HETATM 254 C C2   . CCN C 2 .  ? 1.32083  4.76574  4.93559   1.000 15.50599 ? 202 CCN A C2   1 
HETATM 255 H H21  . CCN C 2 .  ? 1.37238  5.74804  4.48246   1.000 18.60719 ? 202 CCN A H21  1 
HETATM 256 H H22  . CCN C 2 .  ? 2.28280  4.27624  4.84674   1.000 18.60719 ? 202 CCN A H22  1 
HETATM 257 H H23  . CCN C 2 .  ? 1.06117  4.86421  5.98238   1.000 18.60719 ? 202 CCN A H23  1 
HETATM 258 O O    . HOH D 3 .  ? 4.08884  -0.29089 -1.59246  1.000 25.36820 ? 301 HOH A O    1 
HETATM 259 O O    . HOH D 3 .  ? 12.66804 1.90577  -11.77300 1.000 29.33385 ? 302 HOH A O    1 
HETATM 260 O O    . HOH D 3 .  ? 3.84892  3.89077  -2.61307  1.000 37.49254 ? 303 HOH A O    1 
HETATM 261 O O    . HOH D 3 .  ? 4.84270  7.34196  -3.69062  1.000 38.27555 ? 304 HOH A O    1 
HETATM 262 O O    . HOH D 3 .  ? 4.68801  1.25990  -3.31341  1.000 56.27974 ? 305 HOH A O    1 
HETATM 263 O O    . HOH D 3 .  ? 6.75527  -0.76926 -0.87815  1.000 54.00399 ? 306 HOH A O    1 
HETATM 264 O O    . HOH D 3 .  ? 7.47802  -2.15260 1.32740   1.000 30.74228 ? 307 HOH A O    1 
# 
loop_
_atom_site_anisotrop.id 
_atom_site_anisotrop.type_symbol 
_atom_site_anisotrop.pdbx_label_atom_id 
_atom_site_anisotrop.pdbx_label_alt_id 
_atom_site_anisotrop.pdbx_label_comp_id 
_atom_site_anisotrop.pdbx_label_asym_id 
_atom_site_anisotrop.pdbx_label_seq_id 
_atom_site_anisotrop.pdbx_PDB_ins_code 
_atom_site_anisotrop.U[1][1] 
_atom_site_anisotrop.U[2][2] 
_atom_site_anisotrop.U[3][3] 
_atom_site_anisotrop.U[1][2] 
_atom_site_anisotrop.U[1][3] 
_atom_site_anisotrop.U[2][3] 
_atom_site_anisotrop.pdbx_auth_seq_id 
_atom_site_anisotrop.pdbx_auth_comp_id 
_atom_site_anisotrop.pdbx_auth_asym_id 
_atom_site_anisotrop.pdbx_auth_atom_id 
1   C C05 A I6W A 1  ? 0.11544 0.07196 0.27336 -0.00409 -0.04447 0.00968  1   I6W A C05 
2   C C05 B I6W A 1  ? 0.14941 0.37090 0.43531 0.06046  0.02317  0.00840  1   I6W A C05 
3   C C08 A I6W A 1  ? 0.11604 0.06981 0.25978 -0.00692 -0.04153 0.01643  1   I6W A C08 
4   C C08 B I6W A 1  ? 0.15659 0.41239 0.47147 0.06796  0.03653  0.00913  1   I6W A C08 
5   C C09 A I6W A 1  ? 0.13314 0.08825 0.33244 -0.00520 -0.03765 0.02580  1   I6W A C09 
6   C C09 B I6W A 1  ? 0.17212 0.49166 0.53803 0.08120  0.05859  0.00559  1   I6W A C09 
7   N N10 A I6W A 1  ? 0.13549 0.09176 0.31807 -0.00861 -0.03361 0.04468  1   I6W A N10 
8   N N10 B I6W A 1  ? 0.17972 0.52686 0.56803 0.08690  0.06776  0.00369  1   I6W A N10 
9   C C02 A I6W A 1  ? 0.10205 0.05926 0.19442 -0.01544 -0.04706 0.00839  1   I6W A C02 
10  C C02 B I6W A 1  ? 0.12543 0.18912 0.26640 0.02170  -0.02763 0.01513  1   I6W A C02 
11  C C03 A I6W A 1  ? 0.10854 0.06490 0.22091 -0.01322 -0.05097 0.00338  1   I6W A C03 
12  C C03 B I6W A 1  ? 0.13733 0.28426 0.35500 0.04227  -0.00271 0.01396  1   I6W A C03 
13  C C04 A I6W A 1  ? 0.12014 0.06853 0.26327 -0.00515 -0.03432 -0.00322 1   I6W A C04 
14  C C04 B I6W A 1  ? 0.14353 0.32822 0.39594 0.05280  0.00932  0.01117  1   I6W A C04 
15  C C06 A I6W A 1  ? 0.09935 0.06649 0.21596 -0.01220 -0.06168 0.00971  1   I6W A C06 
16  C C06 B I6W A 1  ? 0.14165 0.32987 0.39701 0.05216  0.00863  0.01258  1   I6W A C06 
17  C C11 A I6W A 1  ? 0.13272 0.09203 0.30893 -0.01111 -0.05039 0.04547  1   I6W A C11 
18  C C11 B I6W A 1  ? 0.18591 0.55649 0.59166 0.09000  0.07468  0.00189  1   I6W A C11 
19  C C12 A I6W A 1  ? 0.14900 0.10187 0.37475 -0.00556 -0.07144 0.02562  1   I6W A C12 
20  C C12 B I6W A 1  ? 0.19118 0.58128 0.61115 0.09051  0.07839  0.00027  1   I6W A C12 
21  C C13 A I6W A 1  ? 0.17919 0.13981 0.41130 0.02186  -0.08983 0.03413  1   I6W A C13 
22  C C13 B I6W A 1  ? 0.19989 0.61963 0.64347 0.09029  0.08501  -0.00162 1   I6W A C13 
23  C C15 A I6W A 1  ? 0.19481 0.16992 0.45968 0.01929  -0.11346 0.04162  1   I6W A C15 
24  C C15 B I6W A 1  ? 0.21158 0.66734 0.68240 0.08641  0.09831  -0.00523 1   I6W A C15 
25  C C16 A I6W A 1  ? 0.21140 0.19207 0.44352 0.02283  -0.12579 0.05529  1   I6W A C16 
26  C C16 B I6W A 1  ? 0.21484 0.67624 0.68989 0.08571  0.10258  -0.00591 1   I6W A C16 
27  C C18 A I6W A 1  ? 0.15112 0.10167 0.37378 0.00802  -0.06460 0.01288  1   I6W A C18 
28  C C18 B I6W A 1  ? 0.18625 0.56074 0.59347 0.09031  0.07433  0.00203  1   I6W A C18 
29  C C19 A I6W A 1  ? 0.13475 0.09483 0.35101 0.00526  -0.05870 0.01431  1   I6W A C19 
30  C C19 B I6W A 1  ? 0.18076 0.53165 0.57014 0.08738  0.06901  0.00467  1   I6W A C19 
31  N N07 A I6W A 1  ? 0.11704 0.07334 0.26327 -0.00689 -0.06470 0.01284  1   I6W A N07 
32  N N07 B I6W A 1  ? 0.14770 0.37142 0.43535 0.06081  0.02436  0.01382  1   I6W A N07 
33  O O01 A I6W A 1  ? 0.09733 0.08544 0.19071 -0.03937 -0.02406 -0.00298 1   I6W A O01 
34  O O01 B I6W A 1  ? 0.12571 0.20267 0.26237 0.02211  -0.02581 0.01654  1   I6W A O01 
35  O O14 A I6W A 1  ? 0.18415 0.14052 0.43167 0.01172  -0.09586 0.04454  1   I6W A O14 
36  O O14 B I6W A 1  ? 0.20629 0.64833 0.66762 0.08778  0.09199  -0.00440 1   I6W A O14 
37  O O17 A I6W A 1  ? 0.18370 0.19719 0.40735 0.04061  -0.11907 -0.00263 1   I6W A O17 
38  O O17 B I6W A 1  ? 0.20078 0.62292 0.64502 0.09148  0.08456  0.00009  1   I6W A O17 
61  N N   . LEU A 2  ? 0.11066 0.07141 0.17667 0.00156  -0.05698 0.01389  2   LEU A N   
62  C CA  . LEU A 2  ? 0.11266 0.05389 0.12060 -0.00170 -0.03118 0.01889  2   LEU A CA  
63  C C   . LEU A 2  ? 0.10569 0.06293 0.08823 0.00038  -0.03055 0.01063  2   LEU A C   
64  O O   . LEU A 2  ? 0.10306 0.07505 0.08693 -0.01461 -0.01797 -0.00335 2   LEU A O   
65  C CB  . LEU A 2  ? 0.13281 0.06688 0.10840 -0.00488 -0.01066 0.02910  2   LEU A CB  
66  C CG  . LEU A 2  ? 0.12639 0.08580 0.11043 -0.01130 -0.00830 0.00524  2   LEU A CG  
67  C CD1 . LEU A 2  ? 0.11911 0.09895 0.11504 -0.02727 -0.02240 -0.00726 2   LEU A CD1 
68  C CD2 . LEU A 2  ? 0.13279 0.10211 0.10324 -0.01352 0.00462  0.02432  2   LEU A CD2 
80  N N   . AIB A 3  ? 0.10384 0.05393 0.08993 -0.01000 -0.03013 0.00682  3   AIB A N   
81  C CA  . AIB A 3  ? 0.09161 0.03627 0.09419 -0.00050 -0.03432 0.01358  3   AIB A CA  
82  C C   . AIB A 3  ? 0.08154 0.03978 0.10449 0.00221  -0.03363 0.01534  3   AIB A C   
83  O O   . AIB A 3  ? 0.08575 0.06204 0.09643 0.00076  -0.02401 0.01383  3   AIB A O   
84  C CB1 . AIB A 3  ? 0.10276 0.05772 0.08789 0.02671  -0.03069 0.01367  3   AIB A CB1 
85  C CB2 . AIB A 3  ? 0.10011 0.04012 0.11139 0.00762  -0.04203 0.00492  3   AIB A CB2 
93  N N   . ALA A 4  ? 0.08099 0.06583 0.09497 0.00359  -0.03280 0.01969  4   ALA A N   
94  C CA  . ALA A 4  ? 0.08374 0.06282 0.11044 -0.00708 -0.01940 0.00452  4   ALA A CA  
95  C C   . ALA A 4  ? 0.08667 0.05080 0.09985 -0.00930 -0.03258 -0.00420 4   ALA A C   
96  O O   . ALA A 4  ? 0.09050 0.07088 0.10751 -0.00921 -0.02013 0.00909  4   ALA A O   
97  C CB  . ALA A 4  ? 0.08218 0.11398 0.12230 0.01356  -0.01741 -0.00254 4   ALA A CB  
103 N N   A MET A 5  ? 0.08632 0.04324 0.10646 -0.01391 -0.03352 -0.00465 5   MET A N   
104 N N   B MET A 5  ? 0.09271 0.04949 0.10720 -0.00712 -0.03170 -0.00769 5   MET A N   
105 C CA  A MET A 5  ? 0.09577 0.04272 0.12728 -0.00466 -0.02695 -0.00063 5   MET A CA  
106 C CA  B MET A 5  ? 0.10426 0.05146 0.12585 0.00372  -0.02542 -0.00810 5   MET A CA  
107 C C   A MET A 5  ? 0.09186 0.03942 0.09620 -0.01727 -0.01579 0.01060  5   MET A C   
108 C C   B MET A 5  ? 0.09819 0.06047 0.10088 -0.00175 -0.02106 -0.00286 5   MET A C   
109 O O   A MET A 5  ? 0.10490 0.05015 0.08105 -0.01755 -0.01784 0.00799  5   MET A O   
110 O O   B MET A 5  ? 0.10886 0.07441 0.09838 0.00463  -0.02507 -0.02337 5   MET A O   
111 C CB  A MET A 5  ? 0.11247 0.04464 0.15123 -0.00713 -0.03567 -0.00477 5   MET A CB  
112 C CB  B MET A 5  ? 0.12510 0.04483 0.15737 0.00507  -0.02665 -0.01232 5   MET A CB  
113 C CG  A MET A 5  ? 0.13543 0.06989 0.18529 -0.01171 -0.04525 -0.01040 5   MET A CG  
114 C CG  B MET A 5  ? 0.15336 0.06432 0.18827 0.01226  -0.02280 -0.00227 5   MET A CG  
115 S SD  A MET A 5  ? 0.15710 0.08386 0.17208 -0.02090 -0.03927 0.00435  5   MET A SD  
116 S SD  B MET A 5  ? 0.18057 0.06753 0.18461 0.01581  -0.01986 0.00974  5   MET A SD  
117 C CE  A MET A 5  ? 0.15871 0.11023 0.18545 -0.03862 -0.03954 -0.01189 5   MET A CE  
118 C CE  B MET A 5  ? 0.18582 0.10213 0.21389 0.00744  -0.02236 -0.01604 5   MET A CE  
137 N N   . LEU A 6  ? 0.08661 0.06355 0.09135 -0.01217 -0.02383 0.00366  6   LEU A N   
138 C CA  . LEU A 6  ? 0.07990 0.05725 0.09741 -0.01529 -0.02352 -0.00436 6   LEU A CA  
139 C C   . LEU A 6  ? 0.08073 0.04914 0.09498 -0.01324 -0.02153 0.01476  6   LEU A C   
140 O O   . LEU A 6  ? 0.08460 0.05782 0.10375 0.00371  -0.02908 0.01373  6   LEU A O   
141 C CB  . LEU A 6  ? 0.09092 0.06731 0.09751 -0.01821 -0.02215 -0.00402 6   LEU A CB  
142 C CG  . LEU A 6  ? 0.08608 0.11038 0.10977 -0.02947 -0.00820 -0.00983 6   LEU A CG  
143 C CD1 . LEU A 6  ? 0.08619 0.13200 0.13194 -0.02364 0.00819  -0.00734 6   LEU A CD1 
144 C CD2 . LEU A 6  ? 0.09762 0.12775 0.13428 -0.03736 0.00835  0.01253  6   LEU A CD2 
156 N N   . AIB A 7  ? 0.08545 0.04190 0.08845 -0.01318 -0.03889 0.01150  7   AIB A N   
157 C CA  . AIB A 7  ? 0.08852 0.03578 0.09149 -0.00892 -0.04529 0.00522  7   AIB A CA  
158 C C   . AIB A 7  ? 0.08024 0.03462 0.10764 -0.00550 -0.03663 0.00883  7   AIB A C   
159 O O   . AIB A 7  ? 0.09836 0.03680 0.10749 -0.00501 -0.02918 0.00950  7   AIB A O   
160 C CB1 . AIB A 7  ? 0.09710 0.07528 0.10129 0.00503  -0.02387 0.00889  7   AIB A CB1 
161 C CB2 . AIB A 7  ? 0.09788 0.04939 0.10783 -0.02139 -0.04909 0.00960  7   AIB A CB2 
169 N N   . GLN A 8  ? 0.08364 0.03425 0.09953 -0.01113 -0.02828 0.00661  8   GLN A N   
170 C CA  . GLN A 8  ? 0.07138 0.03079 0.09550 -0.01130 -0.02299 0.00749  8   GLN A CA  
171 C C   . GLN A 8  ? 0.06700 0.04516 0.08947 -0.00454 -0.02213 -0.00033 8   GLN A C   
172 O O   . GLN A 8  ? 0.06951 0.05036 0.09002 -0.00737 -0.02092 0.01286  8   GLN A O   
173 C CB  . GLN A 8  ? 0.07208 0.04701 0.08718 -0.00689 -0.02845 0.01437  8   GLN A CB  
174 C CG  . GLN A 8  ? 0.07029 0.04253 0.08681 -0.00821 -0.02414 0.00804  8   GLN A CG  
175 C CD  . GLN A 8  ? 0.06757 0.03611 0.08834 -0.01279 -0.02723 0.01844  8   GLN A CD  
176 O OE1 . GLN A 8  ? 0.08121 0.05086 0.08571 -0.00609 -0.01970 0.00569  8   GLN A OE1 
177 N NE2 . GLN A 8  ? 0.09000 0.03391 0.10077 -0.01577 -0.01544 0.01155  8   GLN A NE2 
186 N N   . AIB A 9  ? 0.06654 0.03476 0.08876 -0.00946 -0.02313 0.01601  9   AIB A N   
187 C CA  . AIB A 9  ? 0.07189 0.04217 0.10113 -0.00483 -0.02882 0.00706  9   AIB A CA  
188 C C   . AIB A 9  ? 0.07076 0.02932 0.09862 -0.00786 -0.02132 -0.00046 9   AIB A C   
189 O O   . AIB A 9  ? 0.08043 0.04093 0.11334 -0.01045 -0.03315 0.01793  9   AIB A O   
190 C CB1 . AIB A 9  ? 0.07768 0.04607 0.09742 -0.00095 -0.03347 0.01745  9   AIB A CB1 
191 C CB2 . AIB A 9  ? 0.08086 0.07416 0.08629 -0.01169 -0.01938 0.01325  9   AIB A CB2 
199 N N   . LEU A 10 ? 0.06799 0.03446 0.11482 -0.01098 -0.02228 0.00538  10  LEU A N   
200 C CA  . LEU A 10 ? 0.07719 0.03837 0.12673 -0.00347 -0.01922 0.01407  10  LEU A CA  
201 C C   . LEU A 10 ? 0.08225 0.04658 0.16602 -0.01120 -0.01246 -0.00939 10  LEU A C   
202 O O   . LEU A 10 ? 0.09603 0.06431 0.22352 -0.01110 0.01182  -0.02794 10  LEU A O   
203 C CB  . LEU A 10 ? 0.08395 0.04074 0.13968 -0.00718 -0.02474 -0.00265 10  LEU A CB  
204 C CG  . LEU A 10 ? 0.08805 0.03694 0.12438 -0.00885 -0.02984 0.00366  10  LEU A CG  
205 C CD1 . LEU A 10 ? 0.10800 0.06831 0.10987 -0.01048 -0.02253 0.01023  10  LEU A CD1 
206 C CD2 . LEU A 10 ? 0.09845 0.06233 0.11550 0.01903  -0.02644 0.01580  10  LEU A CD2 
218 C C11 . I77 A 11 ? 0.08961 0.16233 0.15942 0.02856  -0.00038 0.06051  11  I77 A C11 
219 C C12 . I77 A 11 ? 0.06888 0.09562 0.17667 -0.00741 -0.01317 0.03971  11  I77 A C12 
220 C C13 . I77 A 11 ? 0.07018 0.12801 0.17770 0.01119  -0.01973 0.04821  11  I77 A C13 
221 C C17 . I77 A 11 ? 0.07613 0.05741 0.17565 -0.00198 -0.00844 0.00272  11  I77 A C17 
222 C C18 . I77 A 11 ? 0.06931 0.04986 0.15112 -0.01022 -0.00668 0.00919  11  I77 A C18 
223 C C02 . I77 A 11 ? 0.07465 0.05185 0.12026 -0.00162 -0.02269 0.01625  11  I77 A C02 
224 C C03 . I77 A 11 ? 0.06509 0.04145 0.11947 -0.00449 -0.02484 0.00346  11  I77 A C03 
225 C C04 . I77 A 11 ? 0.06982 0.09146 0.12929 -0.00059 -0.02568 0.00495  11  I77 A C04 
226 C C05 . I77 A 11 ? 0.06391 0.08682 0.12620 -0.00407 -0.02488 0.00653  11  I77 A C05 
227 C C06 . I77 A 11 ? 0.07214 0.07816 0.13141 0.00155  -0.01827 0.00634  11  I77 A C06 
228 C C08 . I77 A 11 ? 0.06002 0.05791 0.13020 -0.00747 -0.01742 0.01119  11  I77 A C08 
229 C C09 . I77 A 11 ? 0.07413 0.06847 0.14707 -0.00124 -0.00050 0.02881  11  I77 A C09 
230 N N01 . I77 A 11 ? 0.06796 0.07394 0.11010 0.00426  -0.02350 0.00604  11  I77 A N01 
231 N N07 . I77 A 11 ? 0.07042 0.08280 0.13144 -0.00235 -0.02737 0.00687  11  I77 A N07 
232 N N10 . I77 A 11 ? 0.08741 0.15998 0.16277 0.01940  0.00134  0.04876  11  I77 A N10 
233 N N14 . I77 A 11 ? 0.07106 0.08176 0.16976 -0.01150 -0.01855 -0.01896 11  I77 A N14 
234 N N15 . I77 A 11 ? 0.07875 0.06368 0.15496 0.00366  -0.00571 -0.00309 11  I77 A N15 
235 O O16 . I77 A 11 ? 0.08735 0.24706 0.19301 0.03099  -0.00260 0.07224  11  I77 A O16 
236 O O19 . I77 A 11 ? 0.08184 0.08952 0.12267 0.01131  -0.02196 0.01143  11  I77 A O19 
246 N N   . CCN B .  ? 0.10198 0.13257 0.11484 -0.04472 0.01022  0.01107  201 CCN A N   
247 C C1  . CCN B .  ? 0.08531 0.08376 0.11683 -0.03797 -0.02470 0.02843  201 CCN A C1  
248 C C2  . CCN B .  ? 0.09036 0.06711 0.11021 -0.02848 -0.03076 0.01060  201 CCN A C2  
252 N N   . CCN C .  ? 0.26512 0.18852 0.21721 0.01181  0.05814  0.03620  202 CCN A N   
253 C C1  . CCN C .  ? 0.26363 0.11853 0.20297 0.00405  0.07497  0.03993  202 CCN A C1  
254 C C2  . CCN C .  ? 0.25634 0.13320 0.19961 -0.00374 0.08057  0.02945  202 CCN A C2  
258 O O   . HOH D .  ? 0.18815 0.55294 0.22279 -0.01112 0.00424  0.16172  301 HOH A O   
259 O O   . HOH D .  ? 0.27834 0.64344 0.19278 0.03674  -0.05278 -0.06135 302 HOH A O   
260 O O   . HOH D .  ? 0.28429 0.63059 0.50967 -0.14436 -0.08416 0.28968  303 HOH A O   
261 O O   . HOH D .  ? 0.24638 0.78469 0.42323 0.08710  -0.04209 0.14030  304 HOH A O   
262 O O   . HOH D .  ? 0.31492 0.82763 0.99582 -0.04062 -0.16549 0.13690  305 HOH A O   
263 O O   . HOH D .  ? 0.53033 0.59554 0.92604 -0.20428 -0.30868 0.24967  306 HOH A O   
264 O O   . HOH D .  ? 0.22883 0.59042 0.34881 0.03133  0.01731  -0.08167 307 HOH A O   
# 
